data_1L2W
#
_entry.id   1L2W
#
_cell.length_a   72.845
_cell.length_b   73.352
_cell.length_c   74.263
_cell.angle_alpha   103.37
_cell.angle_beta   109.18
_cell.angle_gamma   107.36
#
_symmetry.space_group_name_H-M   'P 1'
#
loop_
_entity.id
_entity.type
_entity.pdbx_description
1 polymer 'YopE regulator'
2 polymer 'Outer membrane virulence protein yopE'
3 water water
#
loop_
_entity_poly.entity_id
_entity_poly.type
_entity_poly.pdbx_seq_one_letter_code
_entity_poly.pdbx_strand_id
1 'polypeptide(L)'
;MGYSFEQAITQLFQQLSLSIPDTIEPVIGVKVGEFACHITEHPVGQILMFTLPSLDNNDEKETLLSHNIFSQDILKPILS
WDEVGGHPVLWNRQPLNSLDNNSLYTQLEMLVQGAERLQTSSL
;
A,B,C,D,E,F,G,H
2 'polypeptide(L)' VSGSSSVGEMSGRSVSQQTSDQYANNLAGRTESPQGSSLASRIIERLSSVAHSVIGFIQRMFSEGSHKP I,J,K,L
#
# COMPACT_ATOMS: atom_id res chain seq x y z
N MET A 1 7.04 31.33 -16.44
CA MET A 1 8.11 32.23 -15.92
C MET A 1 8.72 33.12 -17.01
N GLY A 2 9.99 33.50 -16.80
CA GLY A 2 10.68 34.37 -17.73
C GLY A 2 11.78 35.17 -17.03
N TYR A 3 12.22 36.26 -17.65
CA TYR A 3 13.29 37.06 -17.06
C TYR A 3 12.95 37.62 -15.67
N SER A 4 11.72 38.09 -15.50
CA SER A 4 11.29 38.65 -14.21
C SER A 4 11.45 37.63 -13.08
N PHE A 5 11.05 36.39 -13.34
CA PHE A 5 11.16 35.35 -12.32
C PHE A 5 12.65 35.10 -12.05
N GLU A 6 13.42 34.98 -13.13
CA GLU A 6 14.86 34.75 -13.04
C GLU A 6 15.56 35.79 -12.17
N GLN A 7 15.22 37.06 -12.40
CA GLN A 7 15.81 38.16 -11.66
C GLN A 7 15.37 38.14 -10.20
N ALA A 8 14.09 37.86 -9.96
CA ALA A 8 13.57 37.81 -8.60
C ALA A 8 14.26 36.70 -7.81
N ILE A 9 14.40 35.53 -8.43
CA ILE A 9 15.04 34.41 -7.74
C ILE A 9 16.52 34.77 -7.47
N THR A 10 17.18 35.34 -8.46
CA THR A 10 18.60 35.71 -8.33
C THR A 10 18.80 36.69 -7.17
N GLN A 11 17.93 37.69 -7.09
CA GLN A 11 18.00 38.66 -6.01
C GLN A 11 17.82 37.94 -4.66
N LEU A 12 16.80 37.09 -4.57
CA LEU A 12 16.53 36.34 -3.35
C LEU A 12 17.74 35.49 -2.94
N PHE A 13 18.31 34.77 -3.89
CA PHE A 13 19.46 33.93 -3.58
C PHE A 13 20.64 34.75 -3.09
N GLN A 14 20.78 35.98 -3.60
CA GLN A 14 21.88 36.83 -3.15
C GLN A 14 21.66 37.21 -1.70
N GLN A 15 20.41 37.50 -1.34
CA GLN A 15 20.08 37.87 0.04
C GLN A 15 20.14 36.66 0.97
N LEU A 16 20.23 35.45 0.41
CA LEU A 16 20.31 34.24 1.22
C LEU A 16 21.69 33.59 1.15
N SER A 17 22.63 34.27 0.49
CA SER A 17 23.99 33.77 0.36
C SER A 17 24.07 32.43 -0.38
N LEU A 18 23.14 32.24 -1.32
CA LEU A 18 23.11 31.01 -2.11
C LEU A 18 23.76 31.24 -3.47
N SER A 19 24.55 30.26 -3.92
CA SER A 19 25.20 30.40 -5.22
C SER A 19 24.12 30.47 -6.29
N ILE A 20 24.35 31.27 -7.32
CA ILE A 20 23.38 31.43 -8.39
C ILE A 20 23.55 30.33 -9.41
N PRO A 21 22.54 29.46 -9.56
CA PRO A 21 22.58 28.35 -10.52
C PRO A 21 22.80 28.85 -11.93
N ASP A 22 23.43 28.03 -12.76
CA ASP A 22 23.67 28.39 -14.15
C ASP A 22 22.32 28.39 -14.86
N THR A 23 21.42 27.53 -14.38
CA THR A 23 20.08 27.42 -14.93
C THR A 23 19.05 27.54 -13.81
N ILE A 24 18.11 28.45 -13.98
CA ILE A 24 17.06 28.65 -12.98
C ILE A 24 15.83 27.87 -13.44
N GLU A 25 15.50 26.79 -12.72
CA GLU A 25 14.35 25.97 -13.08
C GLU A 25 13.08 26.73 -12.72
N PRO A 26 11.95 26.38 -13.36
CA PRO A 26 10.63 26.98 -13.16
C PRO A 26 10.11 26.89 -11.74
N VAL A 27 10.43 25.81 -11.05
CA VAL A 27 9.97 25.62 -9.67
C VAL A 27 11.21 25.50 -8.83
N ILE A 28 11.55 26.57 -8.11
CA ILE A 28 12.75 26.59 -7.29
C ILE A 28 12.53 26.02 -5.89
N GLY A 29 13.43 25.11 -5.50
CA GLY A 29 13.33 24.53 -4.19
C GLY A 29 14.28 25.18 -3.20
N VAL A 30 13.74 25.67 -2.09
CA VAL A 30 14.55 26.26 -1.05
C VAL A 30 14.17 25.66 0.29
N LYS A 31 15.14 24.99 0.91
CA LYS A 31 14.95 24.35 2.20
C LYS A 31 15.34 25.32 3.30
N VAL A 32 14.38 25.73 4.10
CA VAL A 32 14.63 26.67 5.20
C VAL A 32 14.45 25.92 6.51
N GLY A 33 15.55 25.43 7.06
CA GLY A 33 15.46 24.69 8.31
C GLY A 33 14.93 23.31 7.97
N GLU A 34 13.78 22.96 8.53
CA GLU A 34 13.18 21.66 8.25
C GLU A 34 12.06 21.78 7.22
N PHE A 35 11.84 22.98 6.69
CA PHE A 35 10.78 23.18 5.72
C PHE A 35 11.27 23.31 4.28
N ALA A 36 10.81 22.38 3.45
CA ALA A 36 11.15 22.39 2.03
C ALA A 36 10.11 23.30 1.38
N CYS A 37 10.55 24.44 0.87
CA CYS A 37 9.63 25.39 0.25
C CYS A 37 9.87 25.46 -1.26
N HIS A 38 8.83 25.80 -1.99
CA HIS A 38 8.89 25.89 -3.44
C HIS A 38 8.42 27.26 -3.89
N ILE A 39 9.10 27.78 -4.90
CA ILE A 39 8.82 29.10 -5.46
C ILE A 39 8.64 29.00 -6.96
N THR A 40 7.57 29.57 -7.48
CA THR A 40 7.35 29.52 -8.92
C THR A 40 6.49 30.70 -9.34
N GLU A 41 6.40 30.94 -10.64
CA GLU A 41 5.55 32.01 -11.16
C GLU A 41 4.28 31.30 -11.63
N HIS A 42 3.15 31.51 -10.94
CA HIS A 42 1.92 30.83 -11.33
C HIS A 42 0.70 31.50 -10.72
N PRO A 43 -0.20 32.07 -11.54
CA PRO A 43 -0.13 32.17 -13.01
C PRO A 43 0.88 33.26 -13.37
N VAL A 44 1.02 33.59 -14.65
CA VAL A 44 1.97 34.61 -15.11
C VAL A 44 1.75 35.88 -14.31
N GLY A 45 2.83 36.52 -13.88
CA GLY A 45 2.72 37.76 -13.13
C GLY A 45 2.50 37.59 -11.63
N GLN A 46 2.52 36.35 -11.14
CA GLN A 46 2.34 36.12 -9.72
C GLN A 46 3.42 35.19 -9.18
N ILE A 47 3.95 35.51 -8.00
CA ILE A 47 4.96 34.65 -7.38
C ILE A 47 4.24 33.85 -6.31
N LEU A 48 4.23 32.53 -6.51
CA LEU A 48 3.56 31.59 -5.62
C LEU A 48 4.60 30.79 -4.85
N MET A 49 4.40 30.67 -3.55
CA MET A 49 5.31 29.88 -2.73
C MET A 49 4.45 28.90 -1.93
N PHE A 50 4.98 27.70 -1.73
CA PHE A 50 4.24 26.72 -0.97
C PHE A 50 5.14 25.68 -0.32
N THR A 51 4.57 25.03 0.68
CA THR A 51 5.26 23.98 1.42
C THR A 51 4.20 23.03 1.95
N LEU A 52 4.61 21.81 2.30
CA LEU A 52 3.71 20.81 2.85
C LEU A 52 3.92 20.83 4.37
N PRO A 53 2.96 21.41 5.11
CA PRO A 53 3.07 21.51 6.56
C PRO A 53 2.70 20.25 7.34
N SER A 54 3.14 20.21 8.60
CA SER A 54 2.85 19.09 9.49
C SER A 54 1.67 19.56 10.33
N LEU A 55 0.52 18.91 10.17
CA LEU A 55 -0.67 19.29 10.93
C LEU A 55 -0.91 18.50 12.21
N ASP A 56 -1.46 19.20 13.21
CA ASP A 56 -1.79 18.59 14.47
C ASP A 56 -3.15 17.91 14.42
N ASN A 57 -3.19 16.60 14.65
CA ASN A 57 -4.44 15.87 14.58
C ASN A 57 -5.46 16.29 15.63
N ASN A 58 -5.00 16.98 16.68
CA ASN A 58 -5.89 17.42 17.73
C ASN A 58 -6.57 18.72 17.32
N ASP A 59 -6.29 19.23 16.13
CA ASP A 59 -6.93 20.47 15.67
C ASP A 59 -8.14 20.12 14.83
N GLU A 60 -9.28 20.70 15.18
CA GLU A 60 -10.51 20.45 14.46
C GLU A 60 -10.65 21.40 13.28
N LYS A 61 -11.70 21.20 12.50
CA LYS A 61 -11.97 22.01 11.31
C LYS A 61 -11.97 23.51 11.60
N GLU A 62 -12.79 23.95 12.56
CA GLU A 62 -12.86 25.36 12.92
C GLU A 62 -11.49 25.96 13.21
N THR A 63 -10.67 25.20 13.93
CA THR A 63 -9.34 25.66 14.30
C THR A 63 -8.42 25.82 13.09
N LEU A 64 -8.49 24.87 12.18
CA LEU A 64 -7.67 24.91 10.98
C LEU A 64 -8.11 26.02 10.05
N LEU A 65 -9.42 26.16 9.86
CA LEU A 65 -9.96 27.21 8.99
C LEU A 65 -9.68 28.60 9.53
N SER A 66 -9.59 28.72 10.86
CA SER A 66 -9.32 29.99 11.51
C SER A 66 -8.01 30.62 11.06
N HIS A 67 -7.06 29.78 10.68
CA HIS A 67 -5.75 30.27 10.24
C HIS A 67 -5.86 31.05 8.94
N ASN A 68 -6.94 30.80 8.19
CA ASN A 68 -7.14 31.42 6.89
C ASN A 68 -7.92 32.74 6.87
N ILE A 69 -8.25 33.28 8.03
CA ILE A 69 -9.00 34.54 8.04
C ILE A 69 -8.10 35.65 7.47
N PHE A 70 -8.68 36.56 6.70
CA PHE A 70 -7.89 37.64 6.13
C PHE A 70 -7.33 38.54 7.22
N SER A 71 -6.23 39.24 6.92
CA SER A 71 -5.61 40.18 7.86
C SER A 71 -5.12 41.39 7.04
N GLN A 72 -4.28 42.21 7.68
CA GLN A 72 -3.73 43.39 7.03
C GLN A 72 -2.51 43.04 6.18
N ASP A 73 -2.01 41.82 6.30
CA ASP A 73 -0.84 41.37 5.53
C ASP A 73 -1.25 40.40 4.41
N ILE A 74 -1.13 40.84 3.17
CA ILE A 74 -1.51 40.01 2.05
C ILE A 74 -0.61 38.79 1.82
N LEU A 75 0.50 38.71 2.54
CA LEU A 75 1.42 37.60 2.42
C LEU A 75 1.14 36.53 3.47
N LYS A 76 0.08 36.71 4.24
CA LYS A 76 -0.29 35.74 5.25
C LYS A 76 -0.63 34.46 4.46
N PRO A 77 0.02 33.33 4.78
CA PRO A 77 -0.22 32.07 4.07
C PRO A 77 -1.59 31.41 4.30
N ILE A 78 -2.05 30.69 3.28
CA ILE A 78 -3.36 30.02 3.32
C ILE A 78 -3.12 28.52 3.48
N LEU A 79 -3.87 27.89 4.39
CA LEU A 79 -3.77 26.45 4.63
C LEU A 79 -4.85 25.80 3.80
N SER A 80 -4.45 24.83 2.98
CA SER A 80 -5.37 24.13 2.11
C SER A 80 -5.03 22.63 2.03
N TRP A 81 -5.75 21.92 1.17
CA TRP A 81 -5.50 20.49 0.99
C TRP A 81 -5.53 20.17 -0.49
N ASP A 82 -4.59 19.33 -0.91
CA ASP A 82 -4.50 18.88 -2.29
C ASP A 82 -5.08 17.45 -2.31
N GLU A 83 -6.31 17.32 -2.77
CA GLU A 83 -6.99 16.03 -2.84
C GLU A 83 -6.29 15.03 -3.77
N VAL A 84 -5.79 15.53 -4.90
CA VAL A 84 -5.12 14.67 -5.87
C VAL A 84 -3.91 13.95 -5.28
N GLY A 85 -3.04 14.70 -4.62
CA GLY A 85 -1.85 14.11 -4.03
C GLY A 85 -1.99 13.73 -2.57
N GLY A 86 -3.10 14.11 -1.95
CA GLY A 86 -3.28 13.78 -0.55
C GLY A 86 -2.26 14.39 0.40
N HIS A 87 -2.09 15.71 0.32
CA HIS A 87 -1.15 16.41 1.18
C HIS A 87 -1.77 17.74 1.59
N PRO A 88 -1.46 18.22 2.81
CA PRO A 88 -2.02 19.53 3.21
C PRO A 88 -1.05 20.46 2.49
N VAL A 89 -1.49 21.65 2.10
CA VAL A 89 -0.62 22.59 1.40
C VAL A 89 -0.76 24.01 2.00
N LEU A 90 0.36 24.62 2.32
CA LEU A 90 0.37 25.97 2.89
C LEU A 90 1.00 26.84 1.81
N TRP A 91 0.33 27.94 1.42
CA TRP A 91 0.87 28.75 0.35
C TRP A 91 0.56 30.24 0.45
N ASN A 92 1.41 31.07 -0.17
CA ASN A 92 1.11 32.51 -0.23
C ASN A 92 1.44 33.00 -1.64
N ARG A 93 0.98 34.19 -2.00
CA ARG A 93 1.17 34.68 -3.35
C ARG A 93 1.19 36.22 -3.41
N GLN A 94 1.93 36.77 -4.36
CA GLN A 94 1.99 38.22 -4.54
C GLN A 94 2.37 38.59 -5.97
N PRO A 95 1.95 39.78 -6.44
CA PRO A 95 2.26 40.22 -7.80
C PRO A 95 3.77 40.29 -8.03
N LEU A 96 4.23 39.89 -9.21
CA LEU A 96 5.65 39.95 -9.53
C LEU A 96 6.09 41.39 -9.84
N ASN A 97 5.16 42.22 -10.31
CA ASN A 97 5.50 43.61 -10.62
C ASN A 97 5.35 44.48 -9.37
N SER A 98 4.90 43.88 -8.28
CA SER A 98 4.70 44.57 -7.02
C SER A 98 5.20 43.69 -5.86
N LEU A 99 6.52 43.55 -5.77
CA LEU A 99 7.11 42.72 -4.72
C LEU A 99 7.38 43.44 -3.40
N ASP A 100 6.88 42.85 -2.32
CA ASP A 100 7.04 43.39 -0.98
C ASP A 100 8.52 43.61 -0.66
N ASN A 101 8.86 44.85 -0.30
CA ASN A 101 10.25 45.22 0.00
C ASN A 101 11.13 44.90 -1.20
N ASN A 102 10.55 45.02 -2.39
CA ASN A 102 11.26 44.75 -3.63
C ASN A 102 12.09 43.48 -3.50
N SER A 103 11.43 42.41 -3.07
CA SER A 103 12.10 41.11 -2.87
C SER A 103 11.11 40.02 -2.47
N LEU A 104 11.57 38.77 -2.52
CA LEU A 104 10.76 37.61 -2.17
C LEU A 104 11.07 37.16 -0.75
N TYR A 105 12.12 37.74 -0.18
CA TYR A 105 12.57 37.38 1.15
C TYR A 105 11.45 37.40 2.20
N THR A 106 10.66 38.45 2.23
CA THR A 106 9.57 38.54 3.21
C THR A 106 8.46 37.53 2.97
N GLN A 107 8.18 37.20 1.71
CA GLN A 107 7.13 36.23 1.40
C GLN A 107 7.54 34.85 1.93
N LEU A 108 8.79 34.48 1.68
CA LEU A 108 9.30 33.20 2.11
C LEU A 108 9.33 33.13 3.63
N GLU A 109 9.76 34.22 4.27
CA GLU A 109 9.80 34.25 5.72
C GLU A 109 8.42 34.11 6.31
N MET A 110 7.43 34.73 5.68
CA MET A 110 6.06 34.61 6.18
C MET A 110 5.53 33.18 5.99
N LEU A 111 5.99 32.49 4.95
CA LEU A 111 5.53 31.12 4.70
C LEU A 111 6.09 30.19 5.76
N VAL A 112 7.39 30.27 6.01
CA VAL A 112 8.02 29.42 7.02
C VAL A 112 7.47 29.71 8.41
N GLN A 113 7.17 30.97 8.72
CA GLN A 113 6.61 31.29 10.03
C GLN A 113 5.22 30.65 10.13
N GLY A 114 4.49 30.63 9.02
CA GLY A 114 3.17 30.02 9.04
C GLY A 114 3.29 28.52 9.29
N ALA A 115 4.34 27.91 8.73
CA ALA A 115 4.57 26.47 8.89
C ALA A 115 4.95 26.15 10.34
N GLU A 116 5.84 26.97 10.89
CA GLU A 116 6.26 26.78 12.27
C GLU A 116 5.08 26.84 13.23
N ARG A 117 4.14 27.75 12.97
CA ARG A 117 2.98 27.85 13.84
C ARG A 117 2.16 26.55 13.82
N LEU A 118 1.95 26.01 12.62
CA LEU A 118 1.17 24.79 12.46
C LEU A 118 1.86 23.57 13.08
N GLN A 119 3.19 23.54 13.03
CA GLN A 119 3.94 22.43 13.62
C GLN A 119 3.63 22.30 15.10
N THR A 120 3.37 23.44 15.74
CA THR A 120 3.06 23.45 17.16
C THR A 120 1.87 22.56 17.44
N SER A 121 1.92 21.86 18.58
CA SER A 121 0.84 20.96 18.96
C SER A 121 0.23 21.36 20.29
N SER A 122 -0.07 22.65 20.43
CA SER A 122 -0.67 23.19 21.66
C SER A 122 -0.11 22.49 22.90
N TYR B 3 -8.03 53.88 -10.17
CA TYR B 3 -9.29 53.67 -9.40
C TYR B 3 -9.18 53.91 -7.91
N SER B 4 -10.21 54.55 -7.36
CA SER B 4 -10.29 54.78 -5.93
C SER B 4 -11.40 53.79 -5.56
N PHE B 5 -11.56 53.51 -4.27
CA PHE B 5 -12.61 52.58 -3.86
C PHE B 5 -13.96 53.06 -4.40
N GLU B 6 -14.24 54.35 -4.23
CA GLU B 6 -15.50 54.92 -4.67
C GLU B 6 -15.81 54.75 -6.16
N GLN B 7 -14.81 54.90 -7.02
CA GLN B 7 -15.03 54.76 -8.45
C GLN B 7 -15.25 53.31 -8.86
N ALA B 8 -14.56 52.40 -8.17
CA ALA B 8 -14.68 50.98 -8.47
C ALA B 8 -16.09 50.53 -8.11
N ILE B 9 -16.53 50.88 -6.91
CA ILE B 9 -17.87 50.52 -6.46
C ILE B 9 -18.94 51.10 -7.38
N THR B 10 -18.82 52.39 -7.71
CA THR B 10 -19.81 53.03 -8.57
C THR B 10 -19.93 52.33 -9.91
N GLN B 11 -18.80 51.94 -10.50
CA GLN B 11 -18.82 51.25 -11.79
C GLN B 11 -19.47 49.87 -11.63
N LEU B 12 -19.16 49.20 -10.52
CA LEU B 12 -19.72 47.88 -10.24
C LEU B 12 -21.24 47.95 -10.18
N PHE B 13 -21.74 48.87 -9.37
CA PHE B 13 -23.18 49.04 -9.21
C PHE B 13 -23.86 49.31 -10.55
N GLN B 14 -23.22 50.10 -11.40
CA GLN B 14 -23.77 50.42 -12.70
C GLN B 14 -23.82 49.18 -13.59
N GLN B 15 -22.83 48.30 -13.46
CA GLN B 15 -22.82 47.08 -14.26
C GLN B 15 -23.89 46.11 -13.74
N LEU B 16 -24.21 46.25 -12.45
CA LEU B 16 -25.20 45.41 -11.81
C LEU B 16 -26.60 46.05 -11.84
N SER B 17 -26.71 47.19 -12.51
CA SER B 17 -27.98 47.91 -12.61
C SER B 17 -28.53 48.27 -11.24
N LEU B 18 -27.64 48.67 -10.34
CA LEU B 18 -28.04 49.06 -9.00
C LEU B 18 -28.03 50.57 -8.83
N SER B 19 -28.98 51.08 -8.05
CA SER B 19 -29.08 52.50 -7.80
C SER B 19 -27.82 52.89 -7.08
N ILE B 20 -27.21 53.99 -7.51
CA ILE B 20 -25.99 54.44 -6.89
C ILE B 20 -26.25 55.24 -5.63
N PRO B 21 -25.70 54.78 -4.49
CA PRO B 21 -25.85 55.42 -3.19
C PRO B 21 -25.42 56.87 -3.20
N ASP B 22 -26.17 57.72 -2.50
CA ASP B 22 -25.82 59.13 -2.44
C ASP B 22 -24.43 59.23 -1.83
N THR B 23 -24.16 58.36 -0.86
CA THR B 23 -22.86 58.32 -0.21
C THR B 23 -22.34 56.88 -0.20
N ILE B 24 -21.13 56.69 -0.72
CA ILE B 24 -20.52 55.37 -0.77
C ILE B 24 -19.76 55.10 0.52
N GLU B 25 -20.36 54.30 1.40
CA GLU B 25 -19.75 53.95 2.68
C GLU B 25 -18.51 53.09 2.48
N PRO B 26 -17.61 53.05 3.49
CA PRO B 26 -16.36 52.28 3.46
C PRO B 26 -16.57 50.76 3.34
N VAL B 27 -17.75 50.30 3.73
CA VAL B 27 -18.10 48.88 3.64
C VAL B 27 -19.43 48.79 2.91
N ILE B 28 -19.39 48.25 1.71
CA ILE B 28 -20.56 48.12 0.85
C ILE B 28 -21.18 46.73 0.91
N GLY B 29 -22.50 46.68 0.89
CA GLY B 29 -23.19 45.41 0.95
C GLY B 29 -24.05 45.16 -0.27
N VAL B 30 -23.85 44.00 -0.92
CA VAL B 30 -24.63 43.64 -2.09
C VAL B 30 -25.23 42.27 -1.85
N LYS B 31 -26.46 42.08 -2.33
CA LYS B 31 -27.16 40.82 -2.14
C LYS B 31 -27.32 40.11 -3.48
N VAL B 32 -26.69 38.95 -3.61
CA VAL B 32 -26.77 38.17 -4.83
C VAL B 32 -27.45 36.85 -4.46
N GLY B 33 -28.68 36.68 -4.91
CA GLY B 33 -29.40 35.47 -4.58
C GLY B 33 -29.57 35.41 -3.09
N GLU B 34 -29.12 34.32 -2.48
CA GLU B 34 -29.25 34.15 -1.04
C GLU B 34 -28.03 34.66 -0.26
N PHE B 35 -26.98 35.05 -0.98
CA PHE B 35 -25.77 35.51 -0.30
C PHE B 35 -25.58 37.01 -0.20
N ALA B 36 -25.42 37.48 1.03
CA ALA B 36 -25.19 38.88 1.29
C ALA B 36 -23.68 39.08 1.26
N CYS B 37 -23.20 39.76 0.23
CA CYS B 37 -21.77 39.99 0.10
C CYS B 37 -21.35 41.37 0.57
N HIS B 38 -20.10 41.47 1.02
CA HIS B 38 -19.58 42.73 1.50
C HIS B 38 -18.27 43.08 0.84
N ILE B 39 -18.15 44.32 0.39
CA ILE B 39 -16.94 44.80 -0.27
C ILE B 39 -16.33 45.94 0.51
N THR B 40 -15.01 45.94 0.64
CA THR B 40 -14.33 47.00 1.36
C THR B 40 -12.85 47.04 0.99
N GLU B 41 -12.16 48.13 1.36
CA GLU B 41 -10.74 48.28 1.07
C GLU B 41 -9.96 47.93 2.34
N HIS B 42 -9.33 46.76 2.37
CA HIS B 42 -8.57 46.32 3.53
C HIS B 42 -7.59 45.22 3.15
N PRO B 43 -6.28 45.46 3.31
CA PRO B 43 -5.70 46.71 3.81
C PRO B 43 -5.82 47.79 2.72
N VAL B 44 -5.14 48.92 2.92
CA VAL B 44 -5.18 50.00 1.93
C VAL B 44 -4.56 49.52 0.63
N GLY B 45 -5.27 49.74 -0.47
CA GLY B 45 -4.78 49.35 -1.77
C GLY B 45 -5.29 47.98 -2.21
N GLN B 46 -6.10 47.34 -1.38
CA GLN B 46 -6.63 46.01 -1.69
C GLN B 46 -8.15 45.96 -1.59
N ILE B 47 -8.80 45.39 -2.61
CA ILE B 47 -10.25 45.27 -2.58
C ILE B 47 -10.61 43.89 -2.04
N LEU B 48 -11.20 43.87 -0.85
CA LEU B 48 -11.61 42.65 -0.18
C LEU B 48 -13.11 42.42 -0.29
N MET B 49 -13.51 41.19 -0.61
CA MET B 49 -14.92 40.84 -0.68
C MET B 49 -15.10 39.61 0.19
N PHE B 50 -16.21 39.54 0.92
CA PHE B 50 -16.45 38.39 1.78
C PHE B 50 -17.92 38.16 2.05
N THR B 51 -18.24 36.94 2.45
CA THR B 51 -19.60 36.55 2.77
C THR B 51 -19.57 35.40 3.76
N LEU B 52 -20.69 35.17 4.45
CA LEU B 52 -20.80 34.10 5.43
C LEU B 52 -21.62 32.98 4.81
N PRO B 53 -20.96 31.92 4.34
CA PRO B 53 -21.65 30.79 3.73
C PRO B 53 -22.20 29.82 4.76
N SER B 54 -22.88 28.78 4.29
CA SER B 54 -23.42 27.75 5.15
C SER B 54 -22.63 26.50 4.85
N LEU B 55 -21.87 26.02 5.84
CA LEU B 55 -21.07 24.82 5.65
C LEU B 55 -21.84 23.54 5.95
N ASP B 56 -21.32 22.43 5.45
CA ASP B 56 -21.93 21.12 5.63
C ASP B 56 -21.18 20.32 6.69
N ASN B 57 -21.91 19.77 7.66
CA ASN B 57 -21.30 18.97 8.73
C ASN B 57 -20.53 17.81 8.15
N ASN B 58 -21.16 17.07 7.24
CA ASN B 58 -20.56 15.93 6.60
C ASN B 58 -19.13 16.20 6.16
N ASP B 59 -18.89 17.42 5.68
CA ASP B 59 -17.56 17.79 5.22
C ASP B 59 -16.54 17.75 6.34
N GLU B 60 -15.48 16.99 6.14
CA GLU B 60 -14.43 16.88 7.13
C GLU B 60 -13.39 17.97 6.85
N LYS B 61 -12.40 18.08 7.72
CA LYS B 61 -11.37 19.11 7.58
C LYS B 61 -10.68 19.04 6.21
N GLU B 62 -10.35 17.84 5.74
CA GLU B 62 -9.70 17.67 4.44
C GLU B 62 -10.56 18.20 3.31
N THR B 63 -11.85 17.87 3.35
CA THR B 63 -12.77 18.32 2.32
C THR B 63 -12.94 19.84 2.36
N LEU B 64 -12.99 20.41 3.56
CA LEU B 64 -13.15 21.84 3.69
C LEU B 64 -11.88 22.56 3.22
N LEU B 65 -10.72 22.02 3.59
CA LEU B 65 -9.45 22.62 3.20
C LEU B 65 -9.16 22.50 1.71
N SER B 66 -9.75 21.48 1.05
CA SER B 66 -9.54 21.31 -0.38
C SER B 66 -10.02 22.50 -1.20
N HIS B 67 -10.99 23.24 -0.68
CA HIS B 67 -11.53 24.40 -1.39
C HIS B 67 -10.52 25.55 -1.51
N ASN B 68 -9.52 25.55 -0.64
CA ASN B 68 -8.49 26.59 -0.60
C ASN B 68 -7.24 26.39 -1.45
N ILE B 69 -7.15 25.29 -2.19
CA ILE B 69 -5.96 25.04 -3.00
C ILE B 69 -5.88 26.12 -4.10
N PHE B 70 -4.67 26.57 -4.40
CA PHE B 70 -4.51 27.61 -5.43
C PHE B 70 -4.76 27.07 -6.83
N SER B 71 -5.08 27.97 -7.76
CA SER B 71 -5.31 27.62 -9.17
C SER B 71 -4.67 28.72 -10.01
N GLN B 72 -5.04 28.80 -11.28
CA GLN B 72 -4.53 29.84 -12.18
C GLN B 72 -5.33 31.13 -12.01
N ASP B 73 -6.47 31.05 -11.31
CA ASP B 73 -7.33 32.22 -11.11
C ASP B 73 -7.12 32.81 -9.72
N ILE B 74 -6.49 33.98 -9.64
CA ILE B 74 -6.22 34.59 -8.35
C ILE B 74 -7.45 35.11 -7.63
N LEU B 75 -8.59 35.08 -8.30
CA LEU B 75 -9.83 35.53 -7.67
C LEU B 75 -10.58 34.38 -7.00
N LYS B 76 -10.02 33.18 -7.06
CA LYS B 76 -10.66 32.05 -6.39
C LYS B 76 -10.72 32.38 -4.90
N PRO B 77 -11.91 32.27 -4.29
CA PRO B 77 -12.10 32.58 -2.87
C PRO B 77 -11.46 31.60 -1.88
N ILE B 78 -11.20 32.10 -0.67
CA ILE B 78 -10.59 31.34 0.41
C ILE B 78 -11.64 31.05 1.49
N LEU B 79 -11.73 29.81 1.94
CA LEU B 79 -12.67 29.46 3.00
C LEU B 79 -11.96 29.59 4.34
N SER B 80 -12.57 30.30 5.28
CA SER B 80 -11.97 30.51 6.57
C SER B 80 -13.00 30.47 7.68
N TRP B 81 -12.54 30.71 8.89
CA TRP B 81 -13.42 30.71 10.05
C TRP B 81 -13.07 31.90 10.94
N ASP B 82 -14.11 32.51 11.50
CA ASP B 82 -13.93 33.64 12.39
C ASP B 82 -14.13 33.09 13.80
N GLU B 83 -13.04 32.68 14.43
CA GLU B 83 -13.10 32.09 15.76
C GLU B 83 -13.89 32.91 16.78
N VAL B 84 -13.60 34.21 16.85
CA VAL B 84 -14.28 35.08 17.80
C VAL B 84 -15.79 35.13 17.65
N GLY B 85 -16.26 35.22 16.40
CA GLY B 85 -17.69 35.28 16.17
C GLY B 85 -18.32 33.92 15.94
N GLY B 86 -17.49 32.89 15.79
CA GLY B 86 -18.01 31.55 15.56
C GLY B 86 -18.71 31.38 14.23
N HIS B 87 -18.17 31.99 13.18
CA HIS B 87 -18.77 31.89 11.86
C HIS B 87 -17.75 31.63 10.76
N PRO B 88 -18.14 30.90 9.71
CA PRO B 88 -17.18 30.66 8.64
C PRO B 88 -17.20 31.90 7.75
N VAL B 89 -16.07 32.23 7.13
CA VAL B 89 -15.98 33.39 6.25
C VAL B 89 -15.30 33.04 4.92
N LEU B 90 -16.00 33.28 3.82
CA LEU B 90 -15.49 33.03 2.48
C LEU B 90 -15.08 34.39 1.88
N TRP B 91 -13.85 34.52 1.40
CA TRP B 91 -13.38 35.79 0.86
C TRP B 91 -12.37 35.73 -0.27
N ASN B 92 -12.29 36.82 -1.05
CA ASN B 92 -11.26 36.92 -2.08
C ASN B 92 -10.75 38.37 -2.08
N ARG B 93 -9.63 38.62 -2.74
CA ARG B 93 -9.02 39.93 -2.68
C ARG B 93 -8.10 40.17 -3.87
N GLN B 94 -8.00 41.42 -4.28
CA GLN B 94 -7.13 41.80 -5.41
C GLN B 94 -6.70 43.27 -5.24
N PRO B 95 -5.56 43.64 -5.84
CA PRO B 95 -5.00 44.99 -5.78
C PRO B 95 -5.83 46.05 -6.49
N LEU B 96 -6.08 47.15 -5.79
CA LEU B 96 -6.84 48.25 -6.36
C LEU B 96 -6.10 48.89 -7.54
N ASN B 97 -4.77 48.95 -7.46
CA ASN B 97 -3.98 49.57 -8.52
C ASN B 97 -3.88 48.84 -9.85
N SER B 98 -4.46 47.65 -9.95
CA SER B 98 -4.40 46.93 -11.22
C SER B 98 -5.79 46.59 -11.74
N LEU B 99 -6.80 47.20 -11.14
CA LEU B 99 -8.17 46.97 -11.57
C LEU B 99 -8.43 47.53 -12.97
N ASP B 100 -9.28 46.87 -13.73
CA ASP B 100 -9.69 47.39 -15.01
C ASP B 100 -11.21 47.47 -14.85
N ASN B 101 -11.93 47.78 -15.92
CA ASN B 101 -13.37 47.96 -15.85
C ASN B 101 -14.17 46.77 -15.34
N ASN B 102 -13.69 45.56 -15.62
CA ASN B 102 -14.41 44.35 -15.25
C ASN B 102 -13.89 43.56 -14.05
N SER B 103 -12.85 44.06 -13.39
CA SER B 103 -12.27 43.37 -12.24
C SER B 103 -13.18 43.09 -11.04
N LEU B 104 -13.85 44.11 -10.51
CA LEU B 104 -14.71 43.91 -9.35
C LEU B 104 -15.93 43.02 -9.63
N TYR B 105 -16.45 43.09 -10.86
CA TYR B 105 -17.59 42.28 -11.24
C TYR B 105 -17.16 40.81 -11.24
N THR B 106 -15.99 40.56 -11.84
CA THR B 106 -15.45 39.22 -11.93
C THR B 106 -15.20 38.66 -10.53
N GLN B 107 -14.63 39.50 -9.66
CA GLN B 107 -14.33 39.11 -8.29
C GLN B 107 -15.62 38.72 -7.56
N LEU B 108 -16.67 39.52 -7.72
CA LEU B 108 -17.93 39.24 -7.05
C LEU B 108 -18.51 37.93 -7.57
N GLU B 109 -18.46 37.74 -8.88
CA GLU B 109 -18.98 36.52 -9.48
C GLU B 109 -18.24 35.31 -8.91
N MET B 110 -16.91 35.37 -8.85
CA MET B 110 -16.12 34.27 -8.30
C MET B 110 -16.46 34.02 -6.83
N LEU B 111 -16.74 35.07 -6.07
CA LEU B 111 -17.06 34.90 -4.66
C LEU B 111 -18.37 34.15 -4.49
N VAL B 112 -19.40 34.59 -5.20
CA VAL B 112 -20.70 33.94 -5.08
C VAL B 112 -20.65 32.51 -5.59
N GLN B 113 -19.99 32.27 -6.71
CA GLN B 113 -19.90 30.93 -7.25
C GLN B 113 -19.21 30.04 -6.24
N GLY B 114 -18.29 30.64 -5.49
CA GLY B 114 -17.60 29.89 -4.46
C GLY B 114 -18.55 29.54 -3.32
N ALA B 115 -19.43 30.48 -2.97
CA ALA B 115 -20.38 30.28 -1.90
C ALA B 115 -21.39 29.18 -2.27
N GLU B 116 -21.89 29.24 -3.50
CA GLU B 116 -22.86 28.27 -3.97
C GLU B 116 -22.29 26.85 -3.98
N ARG B 117 -21.03 26.72 -4.36
CA ARG B 117 -20.40 25.41 -4.40
C ARG B 117 -20.43 24.75 -3.04
N LEU B 118 -20.22 25.54 -2.00
CA LEU B 118 -20.23 25.04 -0.62
C LEU B 118 -21.62 24.58 -0.17
N GLN B 119 -22.52 24.32 -1.12
CA GLN B 119 -23.86 23.87 -0.76
C GLN B 119 -24.27 22.64 -1.57
N TYR C 3 -17.64 -26.17 -16.61
CA TYR C 3 -19.08 -25.79 -16.40
C TYR C 3 -19.95 -26.00 -17.63
N SER C 4 -21.18 -26.39 -17.38
CA SER C 4 -22.15 -26.54 -18.46
C SER C 4 -23.08 -25.36 -18.16
N PHE C 5 -23.89 -24.97 -19.14
CA PHE C 5 -24.82 -23.86 -18.92
C PHE C 5 -25.66 -24.13 -17.67
N GLU C 6 -26.20 -25.34 -17.56
CA GLU C 6 -27.04 -25.72 -16.43
C GLU C 6 -26.40 -25.57 -15.06
N GLN C 7 -25.14 -25.95 -14.93
CA GLN C 7 -24.45 -25.84 -13.65
C GLN C 7 -24.15 -24.39 -13.31
N ALA C 8 -23.82 -23.59 -14.32
CA ALA C 8 -23.50 -22.19 -14.09
C ALA C 8 -24.73 -21.47 -13.56
N ILE C 9 -25.85 -21.66 -14.25
CA ILE C 9 -27.11 -21.05 -13.86
C ILE C 9 -27.52 -21.48 -12.46
N THR C 10 -27.42 -22.78 -12.17
CA THR C 10 -27.80 -23.29 -10.87
C THR C 10 -26.97 -22.63 -9.77
N GLN C 11 -25.67 -22.51 -9.98
CA GLN C 11 -24.82 -21.88 -8.98
C GLN C 11 -25.21 -20.40 -8.82
N LEU C 12 -25.48 -19.74 -9.93
CA LEU C 12 -25.87 -18.33 -9.90
C LEU C 12 -27.12 -18.14 -9.06
N PHE C 13 -28.17 -18.91 -9.39
CA PHE C 13 -29.42 -18.82 -8.65
C PHE C 13 -29.25 -19.03 -7.15
N GLN C 14 -28.38 -19.97 -6.79
CA GLN C 14 -28.12 -20.24 -5.38
C GLN C 14 -27.42 -19.06 -4.72
N GLN C 15 -26.53 -18.39 -5.44
CA GLN C 15 -25.84 -17.23 -4.89
C GLN C 15 -26.84 -16.06 -4.74
N LEU C 16 -27.86 -16.05 -5.59
CA LEU C 16 -28.88 -15.02 -5.57
C LEU C 16 -30.07 -15.40 -4.67
N SER C 17 -29.99 -16.55 -4.02
CA SER C 17 -31.07 -17.02 -3.14
C SER C 17 -32.36 -17.20 -3.91
N LEU C 18 -32.26 -17.73 -5.13
CA LEU C 18 -33.43 -17.96 -5.96
C LEU C 18 -33.77 -19.43 -6.01
N SER C 19 -35.08 -19.72 -6.00
CA SER C 19 -35.54 -21.09 -6.07
C SER C 19 -35.04 -21.66 -7.39
N ILE C 20 -34.48 -22.87 -7.32
CA ILE C 20 -33.96 -23.50 -8.52
C ILE C 20 -35.05 -24.17 -9.33
N PRO C 21 -35.20 -23.76 -10.60
CA PRO C 21 -36.20 -24.28 -11.54
C PRO C 21 -36.09 -25.79 -11.70
N ASP C 22 -37.23 -26.47 -11.77
CA ASP C 22 -37.25 -27.91 -11.95
C ASP C 22 -36.51 -28.22 -13.25
N THR C 23 -36.72 -27.36 -14.25
CA THR C 23 -36.07 -27.50 -15.54
C THR C 23 -35.41 -26.19 -15.94
N ILE C 24 -34.12 -26.24 -16.22
CA ILE C 24 -33.37 -25.05 -16.61
C ILE C 24 -33.46 -24.84 -18.13
N GLU C 25 -34.33 -23.92 -18.54
CA GLU C 25 -34.54 -23.62 -19.95
C GLU C 25 -33.27 -22.99 -20.59
N PRO C 26 -33.17 -23.07 -21.93
CA PRO C 26 -32.02 -22.52 -22.67
C PRO C 26 -31.85 -21.00 -22.55
N VAL C 27 -32.92 -20.33 -22.17
CA VAL C 27 -32.90 -18.87 -21.98
C VAL C 27 -33.51 -18.58 -20.62
N ILE C 28 -32.67 -18.13 -19.69
CA ILE C 28 -33.08 -17.85 -18.33
C ILE C 28 -33.34 -16.37 -18.10
N GLY C 29 -34.37 -16.08 -17.32
CA GLY C 29 -34.71 -14.70 -17.05
C GLY C 29 -34.65 -14.38 -15.57
N VAL C 30 -33.95 -13.30 -15.23
CA VAL C 30 -33.84 -12.88 -13.85
C VAL C 30 -34.22 -11.41 -13.79
N LYS C 31 -34.87 -11.02 -12.71
CA LYS C 31 -35.31 -9.65 -12.51
C LYS C 31 -34.53 -9.00 -11.40
N VAL C 32 -33.74 -7.99 -11.73
CA VAL C 32 -32.96 -7.27 -10.74
C VAL C 32 -33.48 -5.83 -10.72
N GLY C 33 -34.16 -5.47 -9.63
CA GLY C 33 -34.72 -4.13 -9.55
C GLY C 33 -35.73 -3.96 -10.66
N GLU C 34 -35.53 -2.94 -11.49
CA GLU C 34 -36.45 -2.67 -12.60
C GLU C 34 -36.02 -3.33 -13.91
N PHE C 35 -34.86 -3.96 -13.91
CA PHE C 35 -34.38 -4.59 -15.15
C PHE C 35 -34.55 -6.09 -15.22
N ALA C 36 -35.22 -6.53 -16.28
CA ALA C 36 -35.43 -7.95 -16.52
C ALA C 36 -34.25 -8.37 -17.37
N CYS C 37 -33.39 -9.22 -16.82
CA CYS C 37 -32.21 -9.67 -17.55
C CYS C 37 -32.40 -11.08 -18.09
N HIS C 38 -31.71 -11.38 -19.18
CA HIS C 38 -31.80 -12.69 -19.79
C HIS C 38 -30.42 -13.28 -20.00
N ILE C 39 -30.29 -14.56 -19.67
CA ILE C 39 -29.03 -15.28 -19.77
C ILE C 39 -29.19 -16.46 -20.70
N THR C 40 -28.23 -16.68 -21.57
CA THR C 40 -28.29 -17.81 -22.49
C THR C 40 -26.90 -18.13 -23.04
N GLU C 41 -26.76 -19.27 -23.70
CA GLU C 41 -25.47 -19.68 -24.27
C GLU C 41 -25.54 -19.44 -25.77
N HIS C 42 -24.87 -18.39 -26.23
CA HIS C 42 -24.87 -18.02 -27.65
C HIS C 42 -23.67 -17.13 -27.97
N PRO C 43 -22.76 -17.61 -28.85
CA PRO C 43 -22.80 -18.91 -29.50
C PRO C 43 -22.43 -20.00 -28.48
N VAL C 44 -22.22 -21.23 -28.95
CA VAL C 44 -21.86 -22.33 -28.08
C VAL C 44 -20.51 -22.06 -27.41
N GLY C 45 -20.47 -22.19 -26.09
CA GLY C 45 -19.24 -21.94 -25.36
C GLY C 45 -19.13 -20.51 -24.84
N GLN C 46 -20.19 -19.73 -25.03
CA GLN C 46 -20.19 -18.34 -24.57
C GLN C 46 -21.44 -18.03 -23.76
N ILE C 47 -21.28 -17.39 -22.60
CA ILE C 47 -22.44 -17.01 -21.79
C ILE C 47 -22.78 -15.56 -22.07
N LEU C 48 -23.93 -15.36 -22.69
CA LEU C 48 -24.43 -14.05 -23.07
C LEU C 48 -25.53 -13.58 -22.14
N MET C 49 -25.45 -12.33 -21.71
CA MET C 49 -26.47 -11.75 -20.86
C MET C 49 -26.92 -10.46 -21.52
N PHE C 50 -28.21 -10.18 -21.49
CA PHE C 50 -28.72 -8.96 -22.11
C PHE C 50 -30.00 -8.45 -21.47
N THR C 51 -30.26 -7.17 -21.70
CA THR C 51 -31.46 -6.52 -21.18
C THR C 51 -31.82 -5.35 -22.09
N LEU C 52 -33.08 -4.91 -22.00
CA LEU C 52 -33.57 -3.79 -22.79
C LEU C 52 -33.65 -2.57 -21.89
N PRO C 53 -32.67 -1.68 -21.97
CA PRO C 53 -32.65 -0.48 -21.14
C PRO C 53 -33.52 0.63 -21.71
N SER C 54 -33.60 1.74 -20.98
CA SER C 54 -34.36 2.90 -21.41
C SER C 54 -33.35 3.99 -21.71
N LEU C 55 -33.23 4.36 -22.99
CA LEU C 55 -32.29 5.39 -23.39
C LEU C 55 -32.87 6.79 -23.25
N ASP C 56 -31.97 7.77 -23.19
CA ASP C 56 -32.35 9.17 -23.06
C ASP C 56 -32.23 9.88 -24.41
N ASN C 57 -33.28 10.60 -24.80
CA ASN C 57 -33.28 11.33 -26.07
C ASN C 57 -32.11 12.32 -26.13
N ASN C 58 -31.95 13.08 -25.06
CA ASN C 58 -30.89 14.08 -24.99
C ASN C 58 -29.55 13.53 -25.45
N ASP C 59 -29.30 12.27 -25.13
CA ASP C 59 -28.05 11.64 -25.50
C ASP C 59 -27.90 11.56 -27.02
N GLU C 60 -26.81 12.12 -27.52
CA GLU C 60 -26.54 12.10 -28.95
C GLU C 60 -25.76 10.84 -29.26
N LYS C 61 -25.49 10.61 -30.54
CA LYS C 61 -24.77 9.42 -30.96
C LYS C 61 -23.43 9.29 -30.25
N GLU C 62 -22.68 10.38 -30.14
CA GLU C 62 -21.37 10.35 -29.49
C GLU C 62 -21.48 9.91 -28.04
N THR C 63 -22.44 10.47 -27.32
CA THR C 63 -22.64 10.14 -25.92
C THR C 63 -23.05 8.68 -25.74
N LEU C 64 -23.91 8.19 -26.64
CA LEU C 64 -24.36 6.80 -26.57
C LEU C 64 -23.23 5.85 -26.89
N LEU C 65 -22.43 6.19 -27.91
CA LEU C 65 -21.29 5.36 -28.31
C LEU C 65 -20.15 5.38 -27.30
N SER C 66 -20.10 6.41 -26.46
CA SER C 66 -19.04 6.50 -25.45
C SER C 66 -19.14 5.38 -24.43
N HIS C 67 -20.33 4.84 -24.23
CA HIS C 67 -20.53 3.75 -23.28
C HIS C 67 -19.85 2.46 -23.73
N ASN C 68 -19.56 2.34 -25.01
CA ASN C 68 -18.95 1.14 -25.58
C ASN C 68 -17.42 1.08 -25.66
N ILE C 69 -16.72 2.09 -25.15
CA ILE C 69 -15.26 2.08 -25.20
C ILE C 69 -14.73 0.98 -24.28
N PHE C 70 -13.69 0.29 -24.72
CA PHE C 70 -13.14 -0.81 -23.93
C PHE C 70 -12.43 -0.33 -22.66
N SER C 71 -12.32 -1.21 -21.67
CA SER C 71 -11.62 -0.89 -20.42
C SER C 71 -10.78 -2.11 -20.06
N GLN C 72 -10.37 -2.20 -18.79
CA GLN C 72 -9.60 -3.34 -18.33
C GLN C 72 -10.57 -4.45 -17.90
N ASP C 73 -11.86 -4.13 -17.84
CA ASP C 73 -12.87 -5.10 -17.42
C ASP C 73 -13.61 -5.66 -18.64
N ILE C 74 -13.34 -6.93 -18.99
CA ILE C 74 -13.96 -7.53 -20.16
C ILE C 74 -15.46 -7.80 -19.99
N LEU C 75 -15.99 -7.59 -18.78
CA LEU C 75 -17.42 -7.81 -18.55
C LEU C 75 -18.23 -6.51 -18.72
N LYS C 76 -17.56 -5.40 -19.04
CA LYS C 76 -18.26 -4.14 -19.25
C LYS C 76 -19.23 -4.35 -20.42
N PRO C 77 -20.52 -4.06 -20.21
CA PRO C 77 -21.53 -4.24 -21.24
C PRO C 77 -21.43 -3.35 -22.48
N ILE C 78 -22.03 -3.83 -23.57
CA ILE C 78 -22.05 -3.13 -24.85
C ILE C 78 -23.47 -2.63 -25.15
N LEU C 79 -23.61 -1.35 -25.49
CA LEU C 79 -24.91 -0.82 -25.82
C LEU C 79 -25.11 -0.98 -27.33
N SER C 80 -26.26 -1.54 -27.71
CA SER C 80 -26.58 -1.76 -29.12
C SER C 80 -28.06 -1.49 -29.41
N TRP C 81 -28.45 -1.74 -30.65
CA TRP C 81 -29.82 -1.53 -31.07
C TRP C 81 -30.30 -2.68 -31.93
N ASP C 82 -31.54 -3.11 -31.69
CA ASP C 82 -32.13 -4.19 -32.46
C ASP C 82 -33.02 -3.53 -33.52
N GLU C 83 -32.46 -3.30 -34.70
CA GLU C 83 -33.17 -2.63 -35.77
C GLU C 83 -34.53 -3.24 -36.10
N VAL C 84 -34.58 -4.56 -36.22
CA VAL C 84 -35.82 -5.25 -36.55
C VAL C 84 -36.92 -5.01 -35.53
N GLY C 85 -36.59 -5.13 -34.25
CA GLY C 85 -37.58 -4.94 -33.21
C GLY C 85 -37.72 -3.51 -32.73
N GLY C 86 -36.79 -2.65 -33.14
CA GLY C 86 -36.83 -1.24 -32.75
C GLY C 86 -36.57 -1.01 -31.27
N HIS C 87 -35.66 -1.79 -30.69
CA HIS C 87 -35.34 -1.65 -29.27
C HIS C 87 -33.83 -1.65 -29.01
N PRO C 88 -33.39 -0.88 -28.01
CA PRO C 88 -31.95 -0.86 -27.71
C PRO C 88 -31.67 -2.12 -26.89
N VAL C 89 -30.47 -2.68 -27.04
CA VAL C 89 -30.08 -3.88 -26.30
C VAL C 89 -28.71 -3.75 -25.64
N LEU C 90 -28.68 -3.92 -24.33
CA LEU C 90 -27.44 -3.84 -23.56
C LEU C 90 -27.00 -5.27 -23.24
N TRP C 91 -25.77 -5.64 -23.60
CA TRP C 91 -25.30 -6.99 -23.35
C TRP C 91 -23.81 -7.14 -23.04
N ASN C 92 -23.46 -8.25 -22.37
CA ASN C 92 -22.05 -8.58 -22.13
C ASN C 92 -21.91 -10.09 -22.34
N ARG C 93 -20.68 -10.58 -22.41
CA ARG C 93 -20.48 -11.98 -22.74
C ARG C 93 -19.10 -12.45 -22.29
N GLN C 94 -18.99 -13.74 -21.94
CA GLN C 94 -17.72 -14.32 -21.53
C GLN C 94 -17.71 -15.81 -21.84
N PRO C 95 -16.51 -16.41 -21.98
CA PRO C 95 -16.36 -17.83 -22.28
C PRO C 95 -16.77 -18.76 -21.15
N LEU C 96 -17.57 -19.77 -21.50
CA LEU C 96 -18.03 -20.75 -20.52
C LEU C 96 -16.86 -21.59 -19.97
N ASN C 97 -15.86 -21.86 -20.80
CA ASN C 97 -14.73 -22.69 -20.38
C ASN C 97 -13.75 -22.04 -19.40
N SER C 98 -13.93 -20.77 -19.08
CA SER C 98 -13.02 -20.14 -18.15
C SER C 98 -13.75 -19.57 -16.95
N LEU C 99 -14.99 -20.01 -16.77
CA LEU C 99 -15.79 -19.54 -15.63
C LEU C 99 -15.29 -20.12 -14.32
N ASP C 100 -15.40 -19.34 -13.24
CA ASP C 100 -15.08 -19.87 -11.92
C ASP C 100 -16.39 -19.68 -11.18
N ASN C 101 -16.40 -19.94 -9.88
CA ASN C 101 -17.63 -19.83 -9.08
C ASN C 101 -18.35 -18.48 -9.10
N ASN C 102 -17.60 -17.40 -9.21
CA ASN C 102 -18.19 -16.06 -9.16
C ASN C 102 -18.36 -15.31 -10.47
N SER C 103 -17.97 -15.93 -11.59
CA SER C 103 -18.05 -15.28 -12.90
C SER C 103 -19.42 -14.78 -13.35
N LEU C 104 -20.46 -15.63 -13.33
CA LEU C 104 -21.78 -15.21 -13.78
C LEU C 104 -22.40 -14.14 -12.88
N TYR C 105 -22.15 -14.23 -11.58
CA TYR C 105 -22.69 -13.24 -10.66
C TYR C 105 -22.09 -11.88 -11.00
N THR C 106 -20.76 -11.87 -11.19
CA THR C 106 -20.05 -10.64 -11.55
C THR C 106 -20.57 -10.09 -12.88
N GLN C 107 -20.75 -10.97 -13.85
CA GLN C 107 -21.24 -10.55 -15.17
C GLN C 107 -22.62 -9.92 -15.06
N LEU C 108 -23.50 -10.51 -14.24
CA LEU C 108 -24.84 -9.95 -14.08
C LEU C 108 -24.79 -8.60 -13.38
N GLU C 109 -23.93 -8.49 -12.38
CA GLU C 109 -23.79 -7.24 -11.65
C GLU C 109 -23.34 -6.14 -12.62
N MET C 110 -22.35 -6.45 -13.46
CA MET C 110 -21.85 -5.48 -14.43
C MET C 110 -22.92 -5.09 -15.45
N LEU C 111 -23.79 -6.05 -15.81
CA LEU C 111 -24.84 -5.75 -16.77
C LEU C 111 -25.86 -4.77 -16.17
N VAL C 112 -26.34 -5.07 -14.98
CA VAL C 112 -27.31 -4.19 -14.35
C VAL C 112 -26.73 -2.83 -14.05
N GLN C 113 -25.51 -2.80 -13.54
CA GLN C 113 -24.87 -1.51 -13.25
C GLN C 113 -24.79 -0.70 -14.54
N GLY C 114 -24.56 -1.39 -15.66
CA GLY C 114 -24.50 -0.70 -16.94
C GLY C 114 -25.86 -0.13 -17.29
N ALA C 115 -26.91 -0.91 -17.07
CA ALA C 115 -28.27 -0.48 -17.37
C ALA C 115 -28.65 0.74 -16.54
N GLU C 116 -28.34 0.70 -15.25
CA GLU C 116 -28.67 1.80 -14.33
C GLU C 116 -27.97 3.09 -14.76
N ARG C 117 -26.72 3.01 -15.20
CA ARG C 117 -25.99 4.18 -15.61
C ARG C 117 -26.71 4.90 -16.74
N LEU C 118 -27.26 4.13 -17.67
CA LEU C 118 -28.01 4.69 -18.79
C LEU C 118 -29.32 5.27 -18.28
N GLN C 119 -29.52 5.14 -16.97
CA GLN C 119 -30.72 5.63 -16.28
C GLN C 119 -32.00 4.93 -16.69
N MET D 1 2.12 -6.95 -21.29
CA MET D 1 2.39 -7.97 -22.35
C MET D 1 3.36 -9.06 -21.87
N GLY D 2 4.12 -9.64 -22.80
CA GLY D 2 5.07 -10.68 -22.44
C GLY D 2 5.37 -11.61 -23.61
N TYR D 3 5.89 -12.79 -23.32
CA TYR D 3 6.24 -13.75 -24.36
C TYR D 3 5.04 -14.18 -25.22
N SER D 4 3.89 -14.41 -24.59
CA SER D 4 2.69 -14.82 -25.32
C SER D 4 2.34 -13.81 -26.41
N PHE D 5 2.35 -12.53 -26.06
CA PHE D 5 2.05 -11.46 -27.02
C PHE D 5 3.11 -11.48 -28.13
N GLU D 6 4.38 -11.52 -27.73
CA GLU D 6 5.48 -11.54 -28.68
C GLU D 6 5.33 -12.67 -29.71
N GLN D 7 5.00 -13.86 -29.23
CA GLN D 7 4.84 -15.01 -30.11
C GLN D 7 3.64 -14.83 -31.03
N ALA D 8 2.53 -14.32 -30.50
CA ALA D 8 1.32 -14.11 -31.28
C ALA D 8 1.58 -13.07 -32.40
N ILE D 9 2.26 -11.99 -32.06
CA ILE D 9 2.58 -10.96 -33.06
C ILE D 9 3.48 -11.57 -34.12
N THR D 10 4.54 -12.26 -33.69
CA THR D 10 5.49 -12.89 -34.60
C THR D 10 4.79 -13.82 -35.58
N GLN D 11 3.90 -14.67 -35.07
CA GLN D 11 3.14 -15.58 -35.91
C GLN D 11 2.32 -14.79 -36.92
N LEU D 12 1.64 -13.76 -36.44
CA LEU D 12 0.83 -12.91 -37.31
C LEU D 12 1.69 -12.30 -38.43
N PHE D 13 2.80 -11.69 -38.06
CA PHE D 13 3.67 -11.08 -39.04
C PHE D 13 4.15 -12.08 -40.10
N GLN D 14 4.42 -13.31 -39.68
CA GLN D 14 4.86 -14.33 -40.62
C GLN D 14 3.76 -14.59 -41.64
N GLN D 15 2.51 -14.62 -41.17
CA GLN D 15 1.38 -14.85 -42.06
C GLN D 15 1.07 -13.65 -42.92
N LEU D 16 1.68 -12.51 -42.61
CA LEU D 16 1.45 -11.29 -43.38
C LEU D 16 2.69 -10.90 -44.20
N SER D 17 3.70 -11.74 -44.18
CA SER D 17 4.94 -11.49 -44.91
C SER D 17 5.64 -10.22 -44.44
N LEU D 18 5.57 -9.95 -43.14
CA LEU D 18 6.21 -8.77 -42.57
C LEU D 18 7.47 -9.18 -41.83
N SER D 19 8.53 -8.41 -41.99
CA SER D 19 9.78 -8.71 -41.31
C SER D 19 9.53 -8.63 -39.80
N ILE D 20 10.19 -9.51 -39.06
CA ILE D 20 10.04 -9.55 -37.61
C ILE D 20 10.98 -8.55 -36.96
N PRO D 21 10.42 -7.52 -36.31
CA PRO D 21 11.20 -6.49 -35.63
C PRO D 21 12.13 -7.10 -34.60
N ASP D 22 13.25 -6.43 -34.34
CA ASP D 22 14.19 -6.90 -33.34
C ASP D 22 13.54 -6.69 -31.98
N THR D 23 12.68 -5.67 -31.91
CA THR D 23 11.97 -5.36 -30.69
C THR D 23 10.49 -5.23 -30.98
N ILE D 24 9.68 -5.96 -30.22
CA ILE D 24 8.23 -5.92 -30.39
C ILE D 24 7.66 -4.97 -29.34
N GLU D 25 7.20 -3.81 -29.79
CA GLU D 25 6.63 -2.83 -28.88
C GLU D 25 5.27 -3.34 -28.38
N PRO D 26 4.81 -2.83 -27.22
CA PRO D 26 3.54 -3.18 -26.56
C PRO D 26 2.30 -2.93 -27.41
N VAL D 27 2.36 -1.90 -28.24
CA VAL D 27 1.23 -1.56 -29.10
C VAL D 27 1.74 -1.62 -30.54
N ILE D 28 1.46 -2.73 -31.21
CA ILE D 28 1.90 -2.93 -32.58
C ILE D 28 1.00 -2.22 -33.57
N GLY D 29 1.61 -1.51 -34.51
CA GLY D 29 0.85 -0.79 -35.52
C GLY D 29 0.92 -1.53 -36.84
N VAL D 30 -0.23 -1.80 -37.41
CA VAL D 30 -0.31 -2.48 -38.70
C VAL D 30 -1.31 -1.75 -39.59
N LYS D 31 -0.81 -1.25 -40.71
CA LYS D 31 -1.61 -0.53 -41.69
C LYS D 31 -2.13 -1.53 -42.73
N VAL D 32 -3.44 -1.76 -42.75
CA VAL D 32 -4.03 -2.68 -43.71
C VAL D 32 -4.87 -1.89 -44.70
N GLY D 33 -4.27 -1.57 -45.84
CA GLY D 33 -4.98 -0.78 -46.82
C GLY D 33 -4.92 0.65 -46.35
N GLU D 34 -6.08 1.26 -46.15
CA GLU D 34 -6.12 2.63 -45.67
C GLU D 34 -6.44 2.69 -44.18
N PHE D 35 -6.46 1.53 -43.53
CA PHE D 35 -6.78 1.51 -42.11
C PHE D 35 -5.57 1.20 -41.22
N ALA D 36 -5.23 2.17 -40.37
CA ALA D 36 -4.13 2.01 -39.44
C ALA D 36 -4.74 1.27 -38.25
N CYS D 37 -4.24 0.06 -38.00
CA CYS D 37 -4.77 -0.73 -36.91
C CYS D 37 -3.74 -0.94 -35.83
N HIS D 38 -4.23 -1.11 -34.60
CA HIS D 38 -3.37 -1.30 -33.45
C HIS D 38 -3.70 -2.58 -32.70
N ILE D 39 -2.64 -3.29 -32.31
CA ILE D 39 -2.77 -4.56 -31.60
C ILE D 39 -1.99 -4.52 -30.30
N THR D 40 -2.66 -4.88 -29.21
CA THR D 40 -2.01 -4.89 -27.91
C THR D 40 -2.67 -5.92 -27.00
N GLU D 41 -1.99 -6.23 -25.90
CA GLU D 41 -2.52 -7.16 -24.91
C GLU D 41 -3.11 -6.27 -23.82
N HIS D 42 -4.43 -6.25 -23.70
CA HIS D 42 -5.07 -5.39 -22.71
C HIS D 42 -6.51 -5.80 -22.47
N PRO D 43 -6.84 -6.25 -21.25
CA PRO D 43 -5.93 -6.42 -20.10
C PRO D 43 -5.09 -7.69 -20.32
N VAL D 44 -4.32 -8.09 -19.32
CA VAL D 44 -3.48 -9.27 -19.45
C VAL D 44 -4.33 -10.46 -19.90
N GLY D 45 -3.80 -11.25 -20.84
CA GLY D 45 -4.55 -12.41 -21.30
C GLY D 45 -5.56 -12.15 -22.40
N GLN D 46 -5.67 -10.90 -22.86
CA GLN D 46 -6.61 -10.56 -23.92
C GLN D 46 -5.89 -9.82 -25.04
N ILE D 47 -6.20 -10.16 -26.29
CA ILE D 47 -5.61 -9.44 -27.43
C ILE D 47 -6.68 -8.45 -27.90
N LEU D 48 -6.34 -7.17 -27.80
CA LEU D 48 -7.24 -6.08 -28.20
C LEU D 48 -6.74 -5.46 -29.49
N MET D 49 -7.66 -5.20 -30.41
CA MET D 49 -7.30 -4.57 -31.68
C MET D 49 -8.27 -3.43 -31.90
N PHE D 50 -7.76 -2.31 -32.42
CA PHE D 50 -8.63 -1.18 -32.66
C PHE D 50 -8.11 -0.28 -33.77
N THR D 51 -9.02 0.53 -34.30
CA THR D 51 -8.70 1.46 -35.39
C THR D 51 -9.70 2.58 -35.27
N LEU D 52 -9.37 3.73 -35.85
CA LEU D 52 -10.28 4.88 -35.83
C LEU D 52 -11.01 4.88 -37.17
N PRO D 53 -12.30 4.55 -37.18
CA PRO D 53 -13.10 4.51 -38.41
C PRO D 53 -13.63 5.85 -38.92
N SER D 54 -14.01 5.86 -40.18
CA SER D 54 -14.57 7.05 -40.82
C SER D 54 -16.09 6.84 -40.78
N LEU D 55 -16.78 7.69 -40.02
CA LEU D 55 -18.22 7.55 -39.91
C LEU D 55 -19.02 8.43 -40.86
N ASP D 56 -20.17 7.91 -41.28
CA ASP D 56 -21.06 8.63 -42.17
C ASP D 56 -21.97 9.52 -41.31
N ASN D 57 -21.96 10.82 -41.58
CA ASN D 57 -22.77 11.78 -40.82
C ASN D 57 -24.26 11.58 -41.03
N ASN D 58 -24.64 10.93 -42.12
CA ASN D 58 -26.03 10.67 -42.42
C ASN D 58 -26.58 9.51 -41.58
N ASP D 59 -25.72 8.86 -40.82
CA ASP D 59 -26.15 7.75 -39.97
C ASP D 59 -26.57 8.28 -38.61
N GLU D 60 -27.76 7.88 -38.18
CA GLU D 60 -28.28 8.32 -36.89
C GLU D 60 -27.84 7.35 -35.78
N LYS D 61 -28.21 7.69 -34.56
CA LYS D 61 -27.87 6.88 -33.39
C LYS D 61 -28.30 5.41 -33.54
N GLU D 62 -29.57 5.17 -33.82
CA GLU D 62 -30.08 3.80 -33.97
C GLU D 62 -29.27 3.02 -34.99
N THR D 63 -28.96 3.65 -36.11
CA THR D 63 -28.19 2.99 -37.16
C THR D 63 -26.77 2.62 -36.70
N LEU D 64 -26.12 3.53 -35.98
CA LEU D 64 -24.76 3.27 -35.50
C LEU D 64 -24.75 2.21 -34.40
N LEU D 65 -25.70 2.27 -33.48
CA LEU D 65 -25.77 1.29 -32.40
C LEU D 65 -26.13 -0.09 -32.93
N SER D 66 -26.87 -0.13 -34.04
CA SER D 66 -27.28 -1.40 -34.65
C SER D 66 -26.09 -2.27 -35.01
N HIS D 67 -24.96 -1.64 -35.32
CA HIS D 67 -23.74 -2.35 -35.68
C HIS D 67 -23.21 -3.15 -34.50
N ASN D 68 -23.60 -2.76 -33.30
CA ASN D 68 -23.11 -3.41 -32.09
C ASN D 68 -23.91 -4.59 -31.54
N ILE D 69 -24.96 -5.02 -32.24
CA ILE D 69 -25.76 -6.14 -31.76
C ILE D 69 -24.88 -7.39 -31.76
N PHE D 70 -25.01 -8.22 -30.73
CA PHE D 70 -24.21 -9.44 -30.66
C PHE D 70 -24.55 -10.37 -31.83
N SER D 71 -23.63 -11.27 -32.15
CA SER D 71 -23.85 -12.25 -33.22
C SER D 71 -23.19 -13.57 -32.80
N GLN D 72 -23.08 -14.51 -33.74
CA GLN D 72 -22.47 -15.80 -33.45
C GLN D 72 -20.93 -15.72 -33.51
N ASP D 73 -20.39 -14.60 -33.98
CA ASP D 73 -18.94 -14.42 -34.07
C ASP D 73 -18.46 -13.43 -32.99
N ILE D 74 -17.71 -13.94 -32.02
CA ILE D 74 -17.22 -13.09 -30.92
C ILE D 74 -16.16 -12.08 -31.35
N LEU D 75 -15.71 -12.16 -32.59
CA LEU D 75 -14.70 -11.23 -33.10
C LEU D 75 -15.36 -10.07 -33.86
N LYS D 76 -16.68 -10.04 -33.86
CA LYS D 76 -17.38 -8.96 -34.54
C LYS D 76 -16.97 -7.70 -33.78
N PRO D 77 -16.48 -6.67 -34.49
CA PRO D 77 -16.05 -5.44 -33.82
C PRO D 77 -17.14 -4.57 -33.22
N ILE D 78 -16.79 -3.83 -32.16
CA ILE D 78 -17.73 -2.93 -31.48
C ILE D 78 -17.42 -1.48 -31.87
N LEU D 79 -18.45 -0.70 -32.19
CA LEU D 79 -18.26 0.72 -32.54
C LEU D 79 -18.51 1.52 -31.26
N SER D 80 -17.53 2.35 -30.91
CA SER D 80 -17.62 3.17 -29.70
C SER D 80 -17.04 4.57 -29.96
N TRP D 81 -16.95 5.36 -28.91
CA TRP D 81 -16.41 6.71 -29.00
C TRP D 81 -15.50 6.97 -27.81
N ASP D 82 -14.39 7.64 -28.07
CA ASP D 82 -13.45 7.99 -27.00
C ASP D 82 -13.64 9.48 -26.72
N GLU D 83 -14.34 9.78 -25.64
CA GLU D 83 -14.62 11.17 -25.24
C GLU D 83 -13.35 11.98 -24.95
N VAL D 84 -12.37 11.34 -24.35
CA VAL D 84 -11.13 12.03 -24.00
C VAL D 84 -10.39 12.55 -25.23
N GLY D 85 -10.24 11.71 -26.25
CA GLY D 85 -9.54 12.12 -27.45
C GLY D 85 -10.42 12.63 -28.58
N GLY D 86 -11.73 12.47 -28.42
CA GLY D 86 -12.64 12.92 -29.46
C GLY D 86 -12.48 12.18 -30.78
N HIS D 87 -12.53 10.85 -30.73
CA HIS D 87 -12.42 10.01 -31.93
C HIS D 87 -13.37 8.81 -31.80
N PRO D 88 -13.89 8.32 -32.94
CA PRO D 88 -14.77 7.16 -32.85
C PRO D 88 -13.75 6.03 -32.78
N VAL D 89 -14.09 4.93 -32.13
CA VAL D 89 -13.14 3.83 -32.03
C VAL D 89 -13.87 2.51 -32.33
N LEU D 90 -13.30 1.72 -33.24
CA LEU D 90 -13.84 0.41 -33.63
C LEU D 90 -12.84 -0.61 -33.06
N TRP D 91 -13.33 -1.57 -32.26
CA TRP D 91 -12.42 -2.53 -31.65
C TRP D 91 -12.98 -3.94 -31.47
N ASN D 92 -12.08 -4.91 -31.38
CA ASN D 92 -12.52 -6.27 -31.08
C ASN D 92 -11.51 -6.89 -30.12
N ARG D 93 -11.87 -7.99 -29.48
CA ARG D 93 -10.98 -8.58 -28.48
C ARG D 93 -11.22 -10.09 -28.32
N GLN D 94 -10.16 -10.85 -28.02
CA GLN D 94 -10.28 -12.29 -27.80
C GLN D 94 -9.19 -12.77 -26.84
N PRO D 95 -9.43 -13.90 -26.13
CA PRO D 95 -8.46 -14.46 -25.19
C PRO D 95 -7.15 -14.82 -25.88
N LEU D 96 -6.04 -14.58 -25.21
CA LEU D 96 -4.73 -14.91 -25.78
C LEU D 96 -4.47 -16.41 -25.71
N ASN D 97 -5.02 -17.08 -24.70
CA ASN D 97 -4.83 -18.53 -24.57
C ASN D 97 -5.82 -19.28 -25.46
N SER D 98 -6.72 -18.55 -26.10
CA SER D 98 -7.74 -19.13 -26.96
C SER D 98 -7.89 -18.30 -28.24
N LEU D 99 -6.87 -18.38 -29.10
CA LEU D 99 -6.87 -17.61 -30.34
C LEU D 99 -7.56 -18.30 -31.52
N ASP D 100 -8.50 -17.58 -32.13
CA ASP D 100 -9.26 -18.08 -33.27
C ASP D 100 -8.31 -18.54 -34.38
N ASN D 101 -8.45 -19.79 -34.80
CA ASN D 101 -7.61 -20.38 -35.83
C ASN D 101 -6.14 -20.30 -35.41
N ASN D 102 -5.93 -20.36 -34.09
CA ASN D 102 -4.58 -20.29 -33.52
C ASN D 102 -3.79 -19.18 -34.19
N SER D 103 -4.37 -17.99 -34.24
CA SER D 103 -3.75 -16.83 -34.86
C SER D 103 -4.59 -15.55 -34.67
N LEU D 104 -3.97 -14.42 -34.96
CA LEU D 104 -4.63 -13.12 -34.83
C LEU D 104 -5.11 -12.65 -36.20
N TYR D 105 -4.73 -13.37 -37.24
CA TYR D 105 -5.10 -13.03 -38.60
C TYR D 105 -6.58 -12.76 -38.76
N THR D 106 -7.41 -13.68 -38.30
CA THR D 106 -8.86 -13.53 -38.43
C THR D 106 -9.43 -12.33 -37.65
N GLN D 107 -8.90 -12.07 -36.46
CA GLN D 107 -9.39 -10.95 -35.67
C GLN D 107 -9.13 -9.64 -36.42
N LEU D 108 -7.93 -9.54 -36.99
CA LEU D 108 -7.55 -8.33 -37.73
C LEU D 108 -8.41 -8.17 -38.97
N GLU D 109 -8.61 -9.26 -39.68
CA GLU D 109 -9.41 -9.22 -40.88
C GLU D 109 -10.85 -8.81 -40.56
N MET D 110 -11.38 -9.28 -39.43
CA MET D 110 -12.74 -8.90 -39.05
C MET D 110 -12.82 -7.41 -38.67
N LEU D 111 -11.73 -6.88 -38.10
CA LEU D 111 -11.71 -5.46 -37.71
C LEU D 111 -11.73 -4.57 -38.96
N VAL D 112 -10.87 -4.88 -39.92
CA VAL D 112 -10.80 -4.11 -41.16
C VAL D 112 -12.10 -4.22 -41.96
N GLN D 113 -12.72 -5.41 -41.97
CA GLN D 113 -13.98 -5.55 -42.69
C GLN D 113 -15.03 -4.66 -42.02
N GLY D 114 -14.99 -4.60 -40.70
CA GLY D 114 -15.93 -3.75 -39.98
C GLY D 114 -15.70 -2.28 -40.34
N ALA D 115 -14.44 -1.88 -40.50
CA ALA D 115 -14.13 -0.49 -40.85
C ALA D 115 -14.60 -0.17 -42.27
N GLU D 116 -14.34 -1.09 -43.18
CA GLU D 116 -14.76 -0.92 -44.58
C GLU D 116 -16.28 -0.74 -44.65
N ARG D 117 -17.02 -1.52 -43.87
CA ARG D 117 -18.48 -1.41 -43.88
C ARG D 117 -18.93 -0.01 -43.46
N LEU D 118 -18.35 0.51 -42.39
CA LEU D 118 -18.70 1.83 -41.88
C LEU D 118 -18.30 2.93 -42.86
N GLN D 119 -17.17 2.73 -43.52
CA GLN D 119 -16.67 3.69 -44.49
C GLN D 119 -17.48 3.75 -45.79
N THR D 120 -17.96 2.60 -46.24
CA THR D 120 -18.70 2.51 -47.48
C THR D 120 -20.22 2.45 -47.38
N SER D 121 -20.80 2.99 -46.31
CA SER D 121 -22.26 2.97 -46.20
C SER D 121 -22.84 4.09 -47.06
N TYR E 3 22.14 -0.08 40.76
CA TYR E 3 23.30 -0.72 40.08
C TYR E 3 23.27 -0.62 38.57
N SER E 4 24.34 -0.09 38.01
CA SER E 4 24.46 0.00 36.56
C SER E 4 25.38 -1.18 36.26
N PHE E 5 25.49 -1.56 35.00
CA PHE E 5 26.37 -2.65 34.60
C PHE E 5 27.78 -2.38 35.10
N GLU E 6 28.26 -1.16 34.88
CA GLU E 6 29.61 -0.77 35.28
C GLU E 6 29.90 -0.94 36.77
N GLN E 7 28.98 -0.52 37.63
CA GLN E 7 29.18 -0.63 39.07
C GLN E 7 29.16 -2.10 39.53
N ALA E 8 28.26 -2.89 38.94
CA ALA E 8 28.17 -4.30 39.31
C ALA E 8 29.47 -5.02 38.95
N ILE E 9 29.95 -4.80 37.73
CA ILE E 9 31.20 -5.43 37.30
C ILE E 9 32.36 -4.99 38.18
N THR E 10 32.44 -3.70 38.50
CA THR E 10 33.53 -3.19 39.33
C THR E 10 33.52 -3.86 40.70
N GLN E 11 32.34 -3.99 41.31
CA GLN E 11 32.26 -4.64 42.61
C GLN E 11 32.68 -6.12 42.50
N LEU E 12 32.25 -6.78 41.42
CA LEU E 12 32.59 -8.19 41.22
C LEU E 12 34.09 -8.37 41.14
N PHE E 13 34.74 -7.55 40.32
CA PHE E 13 36.20 -7.62 40.17
C PHE E 13 36.91 -7.42 41.49
N GLN E 14 36.41 -6.52 42.32
CA GLN E 14 37.03 -6.25 43.61
C GLN E 14 36.87 -7.45 44.54
N GLN E 15 35.74 -8.15 44.45
CA GLN E 15 35.50 -9.32 45.27
C GLN E 15 36.39 -10.47 44.82
N LEU E 16 36.73 -10.47 43.54
CA LEU E 16 37.59 -11.49 42.95
C LEU E 16 39.07 -11.09 43.00
N SER E 17 39.35 -9.94 43.59
CA SER E 17 40.72 -9.43 43.68
C SER E 17 41.33 -9.21 42.30
N LEU E 18 40.53 -8.72 41.37
CA LEU E 18 41.01 -8.47 40.01
C LEU E 18 41.26 -6.98 39.80
N SER E 19 42.28 -6.68 39.00
CA SER E 19 42.62 -5.30 38.70
C SER E 19 41.43 -4.71 37.95
N ILE E 20 41.02 -3.51 38.32
CA ILE E 20 39.90 -2.86 37.66
C ILE E 20 40.31 -2.19 36.36
N PRO E 21 39.67 -2.58 35.24
CA PRO E 21 39.93 -2.03 33.91
C PRO E 21 39.74 -0.53 33.88
N ASP E 22 40.58 0.16 33.10
CA ASP E 22 40.49 1.60 32.96
C ASP E 22 39.12 1.89 32.37
N THR E 23 38.70 1.02 31.46
CA THR E 23 37.41 1.14 30.80
C THR E 23 36.67 -0.19 30.87
N ILE E 24 35.44 -0.16 31.38
CA ILE E 24 34.62 -1.35 31.47
C ILE E 24 33.83 -1.55 30.19
N GLU E 25 34.28 -2.46 29.35
CA GLU E 25 33.61 -2.74 28.07
C GLU E 25 32.23 -3.36 28.28
N PRO E 26 31.37 -3.30 27.24
CA PRO E 26 30.01 -3.85 27.30
C PRO E 26 29.97 -5.36 27.49
N VAL E 27 31.06 -6.03 27.15
CA VAL E 27 31.17 -7.48 27.30
C VAL E 27 32.46 -7.76 28.06
N ILE E 28 32.31 -8.27 29.27
CA ILE E 28 33.44 -8.55 30.13
C ILE E 28 33.81 -10.02 30.11
N GLY E 29 35.11 -10.31 30.18
CA GLY E 29 35.58 -11.68 30.18
C GLY E 29 36.39 -12.01 31.42
N VAL E 30 36.02 -13.08 32.10
CA VAL E 30 36.73 -13.53 33.29
C VAL E 30 37.10 -14.99 33.13
N LYS E 31 38.30 -15.35 33.58
CA LYS E 31 38.79 -16.71 33.48
C LYS E 31 38.81 -17.38 34.85
N VAL E 32 37.98 -18.41 35.01
CA VAL E 32 37.94 -19.14 36.26
C VAL E 32 38.41 -20.56 35.97
N GLY E 33 39.60 -20.89 36.44
CA GLY E 33 40.14 -22.21 36.18
C GLY E 33 40.27 -22.38 34.68
N GLU E 34 39.67 -23.42 34.14
CA GLU E 34 39.75 -23.68 32.70
C GLU E 34 38.63 -23.02 31.90
N PHE E 35 37.66 -22.42 32.57
CA PHE E 35 36.55 -21.81 31.86
C PHE E 35 36.62 -20.30 31.71
N ALA E 36 36.53 -19.84 30.46
CA ALA E 36 36.54 -18.42 30.17
C ALA E 36 35.08 -18.03 30.16
N CYS E 37 34.69 -17.20 31.12
CA CYS E 37 33.30 -16.78 31.23
C CYS E 37 33.12 -15.35 30.73
N HIS E 38 31.94 -15.06 30.20
CA HIS E 38 31.64 -13.73 29.69
C HIS E 38 30.38 -13.16 30.30
N ILE E 39 30.46 -11.89 30.67
CA ILE E 39 29.36 -11.19 31.31
C ILE E 39 28.93 -9.99 30.48
N THR E 40 27.63 -9.79 30.35
CA THR E 40 27.14 -8.65 29.57
C THR E 40 25.68 -8.36 29.93
N GLU E 41 25.20 -7.18 29.52
CA GLU E 41 23.82 -6.79 29.79
C GLU E 41 22.99 -7.03 28.53
N HIS E 42 22.19 -8.09 28.54
CA HIS E 42 21.37 -8.44 27.39
C HIS E 42 20.22 -9.36 27.80
N PRO E 43 18.96 -8.91 27.65
CA PRO E 43 18.60 -7.60 27.12
C PRO E 43 18.86 -6.52 28.17
N VAL E 44 18.44 -5.29 27.88
CA VAL E 44 18.63 -4.20 28.82
C VAL E 44 17.94 -4.52 30.15
N GLY E 45 18.68 -4.36 31.24
CA GLY E 45 18.11 -4.63 32.55
C GLY E 45 18.36 -6.04 33.04
N GLN E 46 19.06 -6.85 32.25
CA GLN E 46 19.37 -8.25 32.61
C GLN E 46 20.87 -8.55 32.52
N ILE E 47 21.42 -9.15 33.55
CA ILE E 47 22.84 -9.52 33.55
C ILE E 47 22.96 -10.97 33.09
N LEU E 48 23.52 -11.15 31.90
CA LEU E 48 23.73 -12.45 31.30
C LEU E 48 25.19 -12.91 31.43
N MET E 49 25.38 -14.17 31.79
CA MET E 49 26.73 -14.73 31.90
C MET E 49 26.71 -16.02 31.12
N PHE E 50 27.77 -16.30 30.38
CA PHE E 50 27.81 -17.52 29.58
C PHE E 50 29.23 -18.02 29.33
N THR E 51 29.33 -19.29 28.97
CA THR E 51 30.61 -19.90 28.68
C THR E 51 30.38 -21.07 27.73
N LEU E 52 31.46 -21.51 27.07
CA LEU E 52 31.40 -22.62 26.14
C LEU E 52 32.04 -23.83 26.80
N PRO E 53 31.20 -24.74 27.31
CA PRO E 53 31.70 -25.95 27.98
C PRO E 53 32.09 -27.04 27.00
N SER E 54 32.59 -28.15 27.55
CA SER E 54 32.99 -29.30 26.74
C SER E 54 32.00 -30.42 27.08
N LEU E 55 31.15 -30.76 26.11
CA LEU E 55 30.17 -31.82 26.33
C LEU E 55 30.73 -33.21 26.09
N ASP E 56 30.05 -34.20 26.65
CA ASP E 56 30.46 -35.60 26.53
C ASP E 56 29.57 -36.31 25.50
N ASN E 57 30.20 -37.01 24.56
CA ASN E 57 29.46 -37.73 23.53
C ASN E 57 28.50 -38.75 24.14
N ASN E 58 29.01 -39.52 25.09
CA ASN E 58 28.21 -40.54 25.76
C ASN E 58 26.85 -40.00 26.19
N ASP E 59 26.81 -38.74 26.61
CA ASP E 59 25.57 -38.13 27.04
C ASP E 59 24.57 -38.05 25.90
N GLU E 60 23.39 -38.61 26.12
CA GLU E 60 22.33 -38.60 25.12
C GLU E 60 21.49 -37.34 25.33
N LYS E 61 20.53 -37.12 24.44
CA LYS E 61 19.68 -35.94 24.55
C LYS E 61 19.00 -35.84 25.92
N GLU E 62 18.51 -36.96 26.44
CA GLU E 62 17.83 -36.95 27.74
C GLU E 62 18.77 -36.50 28.85
N THR E 63 19.97 -37.05 28.85
CA THR E 63 20.96 -36.71 29.87
C THR E 63 21.38 -35.24 29.78
N LEU E 64 21.50 -34.72 28.56
CA LEU E 64 21.89 -33.32 28.37
C LEU E 64 20.77 -32.38 28.81
N LEU E 65 19.54 -32.73 28.46
CA LEU E 65 18.38 -31.91 28.82
C LEU E 65 18.07 -31.96 30.31
N SER E 66 18.55 -32.99 31.00
CA SER E 66 18.29 -33.11 32.44
C SER E 66 18.95 -32.00 33.23
N HIS E 67 19.99 -31.40 32.66
CA HIS E 67 20.72 -30.33 33.33
C HIS E 67 19.91 -29.03 33.38
N ASN E 68 18.89 -28.93 32.53
CA ASN E 68 18.05 -27.74 32.42
C ASN E 68 16.79 -27.70 33.27
N ILE E 69 16.51 -28.74 34.04
CA ILE E 69 15.29 -28.74 34.84
C ILE E 69 15.38 -27.64 35.90
N PHE E 70 14.27 -26.95 36.16
CA PHE E 70 14.27 -25.87 37.15
C PHE E 70 14.45 -26.39 38.56
N SER E 71 14.85 -25.50 39.46
CA SER E 71 15.07 -25.82 40.89
C SER E 71 14.62 -24.60 41.67
N GLN E 72 14.99 -24.54 42.95
CA GLN E 72 14.64 -23.41 43.80
C GLN E 72 15.67 -22.28 43.63
N ASP E 73 16.75 -22.58 42.89
CA ASP E 73 17.80 -21.58 42.65
C ASP E 73 17.70 -21.01 41.24
N ILE E 74 17.24 -19.77 41.12
CA ILE E 74 17.07 -19.15 39.81
C ILE E 74 18.36 -18.86 39.05
N LEU E 75 19.51 -19.04 39.71
CA LEU E 75 20.81 -18.82 39.06
C LEU E 75 21.37 -20.11 38.46
N LYS E 76 20.62 -21.21 38.56
CA LYS E 76 21.09 -22.47 37.99
C LYS E 76 21.18 -22.23 36.47
N PRO E 77 22.34 -22.51 35.87
CA PRO E 77 22.56 -22.32 34.43
C PRO E 77 21.76 -23.23 33.50
N ILE E 78 21.62 -22.76 32.25
CA ILE E 78 20.90 -23.44 31.19
C ILE E 78 21.88 -23.91 30.11
N LEU E 79 21.81 -25.20 29.75
CA LEU E 79 22.68 -25.73 28.71
C LEU E 79 21.97 -25.56 27.37
N SER E 80 22.67 -24.97 26.41
CA SER E 80 22.10 -24.74 25.09
C SER E 80 23.11 -25.00 23.99
N TRP E 81 22.69 -24.75 22.75
CA TRP E 81 23.56 -24.96 21.60
C TRP E 81 23.43 -23.79 20.63
N ASP E 82 24.56 -23.34 20.11
CA ASP E 82 24.58 -22.25 19.14
C ASP E 82 24.71 -22.93 17.78
N GLU E 83 23.57 -23.14 17.13
CA GLU E 83 23.53 -23.81 15.85
C GLU E 83 24.43 -23.16 14.80
N VAL E 84 24.37 -21.84 14.68
CA VAL E 84 25.18 -21.12 13.71
C VAL E 84 26.67 -21.34 13.89
N GLY E 85 27.15 -21.22 15.12
CA GLY E 85 28.56 -21.41 15.39
C GLY E 85 28.97 -22.84 15.69
N GLY E 86 27.98 -23.72 15.83
CA GLY E 86 28.26 -25.11 16.11
C GLY E 86 28.92 -25.34 17.47
N HIS E 87 28.51 -24.58 18.47
CA HIS E 87 29.07 -24.72 19.81
C HIS E 87 28.01 -24.75 20.91
N PRO E 88 28.25 -25.54 21.97
CA PRO E 88 27.26 -25.57 23.05
C PRO E 88 27.48 -24.31 23.89
N VAL E 89 26.42 -23.79 24.50
CA VAL E 89 26.52 -22.59 25.34
C VAL E 89 25.79 -22.75 26.66
N LEU E 90 26.53 -22.58 27.75
CA LEU E 90 25.97 -22.68 29.11
C LEU E 90 25.82 -21.26 29.63
N TRP E 91 24.63 -20.90 30.07
CA TRP E 91 24.39 -19.54 30.56
C TRP E 91 23.37 -19.41 31.68
N ASN E 92 23.43 -18.28 32.41
CA ASN E 92 22.44 -17.96 33.42
C ASN E 92 22.16 -16.45 33.34
N ARG E 93 21.10 -15.99 34.00
CA ARG E 93 20.73 -14.59 33.88
C ARG E 93 19.86 -14.14 35.04
N GLN E 94 20.00 -12.87 35.41
CA GLN E 94 19.20 -12.29 36.49
C GLN E 94 18.98 -10.80 36.26
N PRO E 95 17.92 -10.23 36.86
CA PRO E 95 17.59 -8.80 36.72
C PRO E 95 18.59 -7.85 37.38
N LEU E 96 18.97 -6.81 36.65
CA LEU E 96 19.92 -5.82 37.17
C LEU E 96 19.30 -5.00 38.31
N ASN E 97 17.99 -4.77 38.26
CA ASN E 97 17.32 -3.98 39.27
C ASN E 97 17.12 -4.64 40.63
N SER E 98 17.45 -5.92 40.75
CA SER E 98 17.30 -6.57 42.05
C SER E 98 18.62 -7.09 42.59
N LEU E 99 19.72 -6.66 41.98
CA LEU E 99 21.04 -7.09 42.43
C LEU E 99 21.39 -6.50 43.80
N ASP E 100 22.13 -7.27 44.61
CA ASP E 100 22.62 -6.75 45.88
C ASP E 100 24.13 -6.91 45.72
N ASN E 101 24.89 -6.68 46.79
CA ASN E 101 26.35 -6.77 46.72
C ASN E 101 26.95 -8.09 46.26
N ASN E 102 26.27 -9.19 46.56
CA ASN E 102 26.80 -10.51 46.25
C ASN E 102 26.18 -11.27 45.08
N SER E 103 25.20 -10.65 44.41
CA SER E 103 24.50 -11.30 43.29
C SER E 103 25.37 -11.78 42.13
N LEU E 104 26.20 -10.91 41.56
CA LEU E 104 27.03 -11.34 40.42
C LEU E 104 28.06 -12.39 40.78
N TYR E 105 28.61 -12.32 41.98
CA TYR E 105 29.61 -13.30 42.41
C TYR E 105 28.91 -14.66 42.49
N THR E 106 27.73 -14.69 43.08
CA THR E 106 26.95 -15.92 43.22
C THR E 106 26.61 -16.48 41.84
N GLN E 107 26.16 -15.59 40.93
CA GLN E 107 25.82 -15.99 39.58
C GLN E 107 27.01 -16.60 38.84
N LEU E 108 28.19 -16.01 39.00
CA LEU E 108 29.37 -16.52 38.35
C LEU E 108 29.74 -17.88 38.92
N GLU E 109 29.63 -18.02 40.23
CA GLU E 109 29.96 -19.28 40.90
C GLU E 109 29.03 -20.37 40.38
N MET E 110 27.74 -20.08 40.28
CA MET E 110 26.78 -21.06 39.79
C MET E 110 27.07 -21.45 38.34
N LEU E 111 27.50 -20.49 37.52
CA LEU E 111 27.81 -20.79 36.13
C LEU E 111 28.98 -21.76 36.03
N VAL E 112 30.09 -21.43 36.70
CA VAL E 112 31.26 -22.29 36.65
C VAL E 112 31.00 -23.67 37.23
N GLN E 113 30.30 -23.73 38.37
CA GLN E 113 30.01 -25.02 38.95
C GLN E 113 29.20 -25.85 37.95
N GLY E 114 28.36 -25.17 37.18
CA GLY E 114 27.56 -25.86 36.18
C GLY E 114 28.44 -26.39 35.06
N ALA E 115 29.45 -25.62 34.68
CA ALA E 115 30.36 -26.02 33.62
C ALA E 115 31.18 -27.23 34.06
N GLU E 116 31.66 -27.18 35.31
CA GLU E 116 32.46 -28.28 35.83
C GLU E 116 31.68 -29.58 35.91
N ARG E 117 30.40 -29.50 36.26
CA ARG E 117 29.58 -30.69 36.35
C ARG E 117 29.49 -31.39 34.99
N LEU E 118 29.43 -30.61 33.92
CA LEU E 118 29.36 -31.16 32.57
C LEU E 118 30.69 -31.75 32.15
N GLN E 119 31.64 -31.80 33.09
CA GLN E 119 32.98 -32.33 32.83
C GLN E 119 33.82 -31.22 32.22
N MET F 1 3.77 -19.24 47.41
CA MET F 1 2.31 -19.05 47.61
C MET F 1 2.03 -17.82 48.48
N GLY F 2 0.86 -17.23 48.27
CA GLY F 2 0.47 -16.06 49.05
C GLY F 2 -0.51 -15.19 48.29
N TYR F 3 -0.79 -14.02 48.83
CA TYR F 3 -1.72 -13.09 48.20
C TYR F 3 -1.27 -12.65 46.81
N SER F 4 0.03 -12.44 46.63
CA SER F 4 0.55 -12.02 45.33
C SER F 4 0.22 -13.03 44.25
N PHE F 5 0.42 -14.31 44.56
CA PHE F 5 0.12 -15.37 43.61
C PHE F 5 -1.38 -15.39 43.34
N GLU F 6 -2.16 -15.31 44.41
CA GLU F 6 -3.62 -15.30 44.30
C GLU F 6 -4.11 -14.20 43.35
N GLN F 7 -3.60 -12.99 43.56
CA GLN F 7 -3.98 -11.84 42.73
C GLN F 7 -3.55 -12.04 41.28
N ALA F 8 -2.32 -12.52 41.07
CA ALA F 8 -1.82 -12.75 39.72
C ALA F 8 -2.67 -13.78 38.99
N ILE F 9 -3.01 -14.88 39.69
CA ILE F 9 -3.84 -15.92 39.08
C ILE F 9 -5.22 -15.36 38.72
N THR F 10 -5.81 -14.65 39.67
CA THR F 10 -7.13 -14.06 39.48
C THR F 10 -7.14 -13.13 38.27
N GLN F 11 -6.13 -12.28 38.15
CA GLN F 11 -6.04 -11.36 37.03
C GLN F 11 -5.94 -12.15 35.73
N LEU F 12 -5.08 -13.17 35.72
CA LEU F 12 -4.92 -14.00 34.53
C LEU F 12 -6.26 -14.64 34.14
N PHE F 13 -6.94 -15.24 35.11
CA PHE F 13 -8.22 -15.89 34.84
C PHE F 13 -9.24 -14.90 34.26
N GLN F 14 -9.24 -13.67 34.75
CA GLN F 14 -10.17 -12.67 34.25
C GLN F 14 -9.89 -12.40 32.77
N GLN F 15 -8.62 -12.36 32.41
CA GLN F 15 -8.22 -12.11 31.03
C GLN F 15 -8.45 -13.33 30.15
N LEU F 16 -8.75 -14.47 30.76
CA LEU F 16 -9.00 -15.69 30.00
C LEU F 16 -10.47 -16.10 30.06
N SER F 17 -11.29 -15.26 30.69
CA SER F 17 -12.72 -15.54 30.82
C SER F 17 -12.99 -16.81 31.61
N LEU F 18 -12.15 -17.08 32.61
CA LEU F 18 -12.31 -18.26 33.44
C LEU F 18 -12.91 -17.86 34.79
N SER F 19 -13.86 -18.65 35.28
CA SER F 19 -14.48 -18.35 36.56
C SER F 19 -13.41 -18.40 37.63
N ILE F 20 -13.50 -17.51 38.61
CA ILE F 20 -12.54 -17.45 39.71
C ILE F 20 -12.90 -18.47 40.78
N PRO F 21 -12.04 -19.49 40.98
CA PRO F 21 -12.27 -20.52 41.99
C PRO F 21 -12.41 -19.91 43.38
N ASP F 22 -13.15 -20.61 44.25
CA ASP F 22 -13.34 -20.13 45.61
C ASP F 22 -12.02 -20.31 46.34
N THR F 23 -11.26 -21.31 45.90
CA THR F 23 -9.96 -21.60 46.47
C THR F 23 -8.94 -21.71 45.34
N ILE F 24 -7.84 -20.99 45.49
CA ILE F 24 -6.77 -21.01 44.51
C ILE F 24 -5.68 -21.93 45.02
N GLU F 25 -5.55 -23.10 44.39
CA GLU F 25 -4.53 -24.06 44.79
C GLU F 25 -3.14 -23.54 44.39
N PRO F 26 -2.09 -24.03 45.07
CA PRO F 26 -0.67 -23.67 44.86
C PRO F 26 -0.17 -23.90 43.44
N VAL F 27 -0.67 -24.95 42.81
CA VAL F 27 -0.27 -25.26 41.45
C VAL F 27 -1.53 -25.24 40.60
N ILE F 28 -1.72 -24.14 39.88
CA ILE F 28 -2.89 -23.95 39.03
C ILE F 28 -2.75 -24.64 37.68
N GLY F 29 -3.78 -25.38 37.29
CA GLY F 29 -3.76 -26.08 36.02
C GLY F 29 -4.57 -25.36 34.99
N VAL F 30 -3.96 -25.09 33.84
CA VAL F 30 -4.66 -24.40 32.76
C VAL F 30 -4.37 -25.13 31.45
N LYS F 31 -5.44 -25.62 30.83
CA LYS F 31 -5.35 -26.35 29.56
C LYS F 31 -5.56 -25.37 28.41
N VAL F 32 -4.52 -25.16 27.63
CA VAL F 32 -4.60 -24.25 26.49
C VAL F 32 -4.51 -25.08 25.21
N GLY F 33 -5.67 -25.38 24.63
CA GLY F 33 -5.69 -26.18 23.43
C GLY F 33 -5.42 -27.61 23.86
N GLU F 34 -4.35 -28.20 23.34
CA GLU F 34 -4.01 -29.58 23.71
C GLU F 34 -2.88 -29.61 24.73
N PHE F 35 -2.48 -28.44 25.22
CA PHE F 35 -1.39 -28.38 26.19
C PHE F 35 -1.87 -28.11 27.61
N ALA F 36 -1.56 -29.04 28.50
CA ALA F 36 -1.92 -28.89 29.91
C ALA F 36 -0.74 -28.12 30.51
N CYS F 37 -1.00 -26.93 31.03
CA CYS F 37 0.05 -26.11 31.59
C CYS F 37 -0.15 -25.90 33.07
N HIS F 38 0.96 -25.73 33.79
CA HIS F 38 0.89 -25.53 35.22
C HIS F 38 1.60 -24.26 35.65
N ILE F 39 0.94 -23.53 36.56
CA ILE F 39 1.44 -22.28 37.08
C ILE F 39 1.58 -22.34 38.59
N THR F 40 2.74 -21.92 39.10
CA THR F 40 2.97 -21.93 40.54
C THR F 40 4.01 -20.86 40.88
N GLU F 41 4.13 -20.55 42.16
CA GLU F 41 5.14 -19.59 42.63
C GLU F 41 6.26 -20.45 43.18
N HIS F 42 7.39 -20.50 42.50
CA HIS F 42 8.51 -21.34 42.94
C HIS F 42 9.83 -20.94 42.30
N PRO F 43 10.80 -20.47 43.10
CA PRO F 43 10.74 -20.27 44.55
C PRO F 43 9.90 -19.03 44.85
N VAL F 44 9.84 -18.62 46.11
CA VAL F 44 9.08 -17.45 46.51
C VAL F 44 9.48 -16.25 45.63
N GLY F 45 8.50 -15.45 45.23
CA GLY F 45 8.79 -14.29 44.41
C GLY F 45 8.97 -14.55 42.93
N GLN F 46 8.78 -15.79 42.49
CA GLN F 46 8.94 -16.14 41.07
C GLN F 46 7.72 -16.93 40.57
N ILE F 47 7.25 -16.63 39.35
CA ILE F 47 6.13 -17.36 38.76
C ILE F 47 6.74 -18.34 37.76
N LEU F 48 6.54 -19.62 38.03
CA LEU F 48 7.05 -20.69 37.19
C LEU F 48 5.90 -21.32 36.44
N MET F 49 6.08 -21.55 35.15
CA MET F 49 5.06 -22.20 34.34
C MET F 49 5.72 -23.32 33.57
N PHE F 50 5.04 -24.46 33.49
CA PHE F 50 5.60 -25.59 32.76
C PHE F 50 4.54 -26.51 32.16
N THR F 51 4.99 -27.30 31.19
CA THR F 51 4.14 -28.26 30.51
C THR F 51 5.04 -29.40 30.05
N LEU F 52 4.45 -30.55 29.75
CA LEU F 52 5.21 -31.70 29.27
C LEU F 52 4.99 -31.71 27.75
N PRO F 53 6.03 -31.35 26.99
CA PRO F 53 5.94 -31.31 25.53
C PRO F 53 6.09 -32.65 24.82
N SER F 54 5.66 -32.66 23.55
CA SER F 54 5.76 -33.85 22.72
C SER F 54 7.01 -33.63 21.86
N LEU F 55 8.02 -34.46 22.05
CA LEU F 55 9.26 -34.30 21.30
C LEU F 55 9.37 -35.18 20.06
N ASP F 56 10.04 -34.66 19.05
CA ASP F 56 10.25 -35.37 17.80
C ASP F 56 11.50 -36.23 17.96
N ASN F 57 11.36 -37.53 17.76
CA ASN F 57 12.48 -38.46 17.90
C ASN F 57 13.56 -38.25 16.85
N ASN F 58 13.20 -37.60 15.75
CA ASN F 58 14.17 -37.34 14.69
C ASN F 58 15.08 -36.16 15.02
N ASP F 59 14.82 -35.51 16.16
CA ASP F 59 15.64 -34.38 16.59
C ASP F 59 16.80 -34.89 17.44
N GLU F 60 18.00 -34.45 17.11
CA GLU F 60 19.19 -34.87 17.84
C GLU F 60 19.48 -33.91 18.99
N LYS F 61 20.50 -34.25 19.77
CA LYS F 61 20.90 -33.42 20.91
C LYS F 61 21.14 -31.96 20.54
N GLU F 62 21.98 -31.71 19.56
CA GLU F 62 22.28 -30.35 19.12
C GLU F 62 21.01 -29.57 18.80
N THR F 63 20.10 -30.21 18.07
CA THR F 63 18.84 -29.58 17.67
C THR F 63 17.95 -29.21 18.84
N LEU F 64 17.87 -30.09 19.83
CA LEU F 64 17.05 -29.85 21.01
C LEU F 64 17.69 -28.77 21.90
N LEU F 65 19.00 -28.85 22.09
CA LEU F 65 19.71 -27.88 22.92
C LEU F 65 19.66 -26.48 22.29
N SER F 66 19.61 -26.43 20.95
CA SER F 66 19.57 -25.17 20.23
C SER F 66 18.37 -24.31 20.63
N HIS F 67 17.29 -24.96 21.04
CA HIS F 67 16.08 -24.25 21.45
C HIS F 67 16.33 -23.45 22.73
N ASN F 68 17.34 -23.84 23.49
CA ASN F 68 17.62 -23.16 24.76
C ASN F 68 18.60 -22.00 24.75
N ILE F 69 19.00 -21.55 23.57
CA ILE F 69 19.93 -20.42 23.48
C ILE F 69 19.22 -19.17 24.00
N PHE F 70 19.93 -18.31 24.70
CA PHE F 70 19.31 -17.10 25.23
C PHE F 70 18.87 -16.17 24.08
N SER F 71 17.93 -15.29 24.36
CA SER F 71 17.46 -14.33 23.37
C SER F 71 17.14 -13.03 24.11
N GLN F 72 16.47 -12.10 23.42
CA GLN F 72 16.12 -10.83 24.01
C GLN F 72 14.86 -10.93 24.87
N ASP F 73 14.17 -12.07 24.78
CA ASP F 73 12.95 -12.28 25.56
C ASP F 73 13.19 -13.24 26.72
N ILE F 74 13.16 -12.72 27.95
CA ILE F 74 13.40 -13.54 29.12
C ILE F 74 12.31 -14.59 29.39
N LEU F 75 11.21 -14.53 28.64
CA LEU F 75 10.12 -15.48 28.82
C LEU F 75 10.23 -16.66 27.85
N LYS F 76 11.27 -16.63 27.00
CA LYS F 76 11.49 -17.73 26.06
C LYS F 76 11.65 -18.99 26.92
N PRO F 77 10.82 -20.02 26.70
CA PRO F 77 10.87 -21.28 27.47
C PRO F 77 12.12 -22.15 27.30
N ILE F 78 12.46 -22.88 28.36
CA ILE F 78 13.62 -23.75 28.37
C ILE F 78 13.18 -25.22 28.27
N LEU F 79 13.83 -25.97 27.40
CA LEU F 79 13.52 -27.40 27.25
C LEU F 79 14.47 -28.16 28.16
N SER F 80 13.90 -29.04 29.00
CA SER F 80 14.69 -29.84 29.93
C SER F 80 14.08 -31.22 30.08
N TRP F 81 14.70 -32.03 30.92
CA TRP F 81 14.23 -33.39 31.19
C TRP F 81 14.22 -33.66 32.69
N ASP F 82 13.15 -34.31 33.15
CA ASP F 82 13.01 -34.68 34.55
C ASP F 82 13.35 -36.17 34.66
N GLU F 83 14.55 -36.47 35.13
CA GLU F 83 15.02 -37.83 35.29
C GLU F 83 14.19 -38.64 36.30
N VAL F 84 13.70 -37.99 37.35
CA VAL F 84 12.93 -38.69 38.36
C VAL F 84 11.62 -39.24 37.81
N GLY F 85 10.87 -38.42 37.08
CA GLY F 85 9.60 -38.84 36.53
C GLY F 85 9.67 -39.34 35.09
N GLY F 86 10.82 -39.20 34.45
CA GLY F 86 10.97 -39.63 33.07
C GLY F 86 10.05 -38.90 32.09
N HIS F 87 10.13 -37.57 32.09
CA HIS F 87 9.30 -36.73 31.22
C HIS F 87 10.11 -35.53 30.73
N PRO F 88 9.87 -35.07 29.50
CA PRO F 88 10.62 -33.90 29.05
C PRO F 88 9.83 -32.77 29.69
N VAL F 89 10.48 -31.65 30.05
CA VAL F 89 9.76 -30.54 30.67
C VAL F 89 10.12 -29.19 30.00
N LEU F 90 9.10 -28.43 29.62
CA LEU F 90 9.29 -27.12 29.00
C LEU F 90 8.78 -26.12 30.02
N TRP F 91 9.64 -25.16 30.38
CA TRP F 91 9.26 -24.20 31.40
C TRP F 91 9.84 -22.79 31.22
N ASN F 92 9.14 -21.80 31.78
CA ASN F 92 9.66 -20.43 31.77
C ASN F 92 9.37 -19.83 33.15
N ARG F 93 10.04 -18.72 33.47
CA ARG F 93 9.88 -18.13 34.79
C ARG F 93 10.13 -16.62 34.76
N GLN F 94 9.49 -15.89 35.67
CA GLN F 94 9.67 -14.43 35.75
C GLN F 94 9.35 -13.93 37.16
N PRO F 95 9.94 -12.81 37.58
CA PRO F 95 9.70 -12.25 38.91
C PRO F 95 8.22 -11.91 39.12
N LEU F 96 7.71 -12.15 40.33
CA LEU F 96 6.31 -11.86 40.62
C LEU F 96 6.10 -10.35 40.84
N ASN F 97 7.13 -9.65 41.31
CA ASN F 97 7.02 -8.21 41.53
C ASN F 97 7.30 -7.44 40.23
N SER F 98 7.67 -8.18 39.18
CA SER F 98 7.98 -7.60 37.89
C SER F 98 7.36 -8.44 36.79
N LEU F 99 6.04 -8.39 36.69
CA LEU F 99 5.33 -9.17 35.68
C LEU F 99 5.19 -8.47 34.33
N ASP F 100 5.60 -9.18 33.28
CA ASP F 100 5.55 -8.68 31.91
C ASP F 100 4.12 -8.24 31.57
N ASN F 101 3.98 -6.99 31.15
CA ASN F 101 2.67 -6.42 30.81
C ASN F 101 1.74 -6.52 32.00
N ASN F 102 2.32 -6.46 33.20
CA ASN F 102 1.57 -6.55 34.44
C ASN F 102 0.54 -7.66 34.36
N SER F 103 1.00 -8.85 33.97
CA SER F 103 0.14 -10.02 33.86
C SER F 103 0.96 -11.27 33.52
N LEU F 104 0.31 -12.43 33.63
CA LEU F 104 0.94 -13.72 33.36
C LEU F 104 0.54 -14.21 31.97
N TYR F 105 -0.39 -13.49 31.35
CA TYR F 105 -0.89 -13.84 30.03
C TYR F 105 0.22 -14.09 29.02
N THR F 106 1.17 -13.17 28.94
CA THR F 106 2.27 -13.32 27.98
C THR F 106 3.18 -14.50 28.29
N GLN F 107 3.44 -14.76 29.57
CA GLN F 107 4.30 -15.89 29.94
C GLN F 107 3.68 -17.19 29.45
N LEU F 108 2.39 -17.34 29.70
CA LEU F 108 1.66 -18.54 29.30
C LEU F 108 1.66 -18.70 27.78
N GLU F 109 1.38 -17.60 27.09
CA GLU F 109 1.34 -17.63 25.63
C GLU F 109 2.70 -18.04 25.08
N MET F 110 3.77 -17.52 25.68
CA MET F 110 5.11 -17.88 25.22
C MET F 110 5.42 -19.36 25.48
N LEU F 111 4.88 -19.92 26.57
CA LEU F 111 5.11 -21.31 26.88
C LEU F 111 4.43 -22.20 25.85
N VAL F 112 3.14 -21.94 25.60
CA VAL F 112 2.38 -22.73 24.63
C VAL F 112 2.99 -22.62 23.23
N GLN F 113 3.44 -21.42 22.85
CA GLN F 113 4.04 -21.23 21.54
C GLN F 113 5.31 -22.07 21.46
N GLY F 114 6.02 -22.18 22.57
CA GLY F 114 7.23 -22.98 22.58
C GLY F 114 6.89 -24.46 22.44
N ALA F 115 5.75 -24.86 23.00
CA ALA F 115 5.32 -26.24 22.92
C ALA F 115 4.88 -26.58 21.51
N GLU F 116 4.14 -25.67 20.89
CA GLU F 116 3.66 -25.88 19.53
C GLU F 116 4.84 -26.06 18.58
N ARG F 117 5.89 -25.27 18.78
CA ARG F 117 7.06 -25.36 17.91
C ARG F 117 7.68 -26.75 18.00
N LEU F 118 7.84 -27.26 19.22
CA LEU F 118 8.43 -28.57 19.41
C LEU F 118 7.61 -29.65 18.69
N GLN F 119 6.46 -29.25 18.17
CA GLN F 119 5.60 -30.17 17.42
C GLN F 119 5.65 -29.81 15.94
N MET G 1 -12.25 -5.94 -9.36
CA MET G 1 -13.57 -5.80 -8.67
C MET G 1 -14.53 -6.91 -9.13
N GLY G 2 -15.38 -7.36 -8.22
CA GLY G 2 -16.33 -8.40 -8.55
C GLY G 2 -16.79 -9.16 -7.32
N TYR G 3 -17.48 -10.28 -7.54
CA TYR G 3 -18.00 -11.06 -6.43
C TYR G 3 -16.90 -11.63 -5.53
N SER G 4 -15.80 -12.08 -6.13
CA SER G 4 -14.70 -12.64 -5.34
C SER G 4 -14.17 -11.61 -4.33
N PHE G 5 -13.97 -10.39 -4.79
CA PHE G 5 -13.47 -9.31 -3.92
C PHE G 5 -14.49 -9.05 -2.82
N GLU G 6 -15.76 -8.96 -3.20
CA GLU G 6 -16.84 -8.73 -2.27
C GLU G 6 -16.87 -9.78 -1.16
N GLN G 7 -16.76 -11.05 -1.56
CA GLN G 7 -16.77 -12.16 -0.60
C GLN G 7 -15.55 -12.10 0.32
N ALA G 8 -14.39 -11.83 -0.27
CA ALA G 8 -13.15 -11.76 0.51
C ALA G 8 -13.23 -10.64 1.54
N ILE G 9 -13.75 -9.48 1.13
CA ILE G 9 -13.86 -8.35 2.05
C ILE G 9 -14.85 -8.69 3.16
N THR G 10 -15.99 -9.26 2.78
CA THR G 10 -17.02 -9.65 3.73
C THR G 10 -16.47 -10.61 4.78
N GLN G 11 -15.74 -11.62 4.33
CA GLN G 11 -15.15 -12.59 5.24
C GLN G 11 -14.19 -11.87 6.20
N LEU G 12 -13.33 -11.02 5.65
CA LEU G 12 -12.38 -10.27 6.46
C LEU G 12 -13.10 -9.45 7.53
N PHE G 13 -14.12 -8.71 7.11
CA PHE G 13 -14.88 -7.88 8.05
C PHE G 13 -15.50 -8.71 9.17
N GLN G 14 -15.96 -9.91 8.85
CA GLN G 14 -16.56 -10.78 9.85
C GLN G 14 -15.51 -11.16 10.89
N GLN G 15 -14.30 -11.43 10.44
CA GLN G 15 -13.21 -11.79 11.33
C GLN G 15 -12.69 -10.60 12.11
N LEU G 16 -13.11 -9.39 11.73
CA LEU G 16 -12.68 -8.18 12.41
C LEU G 16 -13.82 -7.53 13.20
N SER G 17 -14.96 -8.22 13.24
CA SER G 17 -16.13 -7.72 13.95
C SER G 17 -16.62 -6.38 13.40
N LEU G 18 -16.50 -6.20 12.09
CA LEU G 18 -16.95 -4.99 11.43
C LEU G 18 -18.27 -5.24 10.74
N SER G 19 -19.19 -4.28 10.83
CA SER G 19 -20.48 -4.41 10.19
C SER G 19 -20.26 -4.47 8.68
N ILE G 20 -21.04 -5.30 7.99
CA ILE G 20 -20.92 -5.45 6.55
C ILE G 20 -21.68 -4.35 5.82
N PRO G 21 -20.96 -3.46 5.12
CA PRO G 21 -21.58 -2.36 4.38
C PRO G 21 -22.61 -2.89 3.38
N ASP G 22 -23.59 -2.06 3.05
CA ASP G 22 -24.62 -2.45 2.10
C ASP G 22 -23.96 -2.45 0.73
N THR G 23 -22.97 -1.58 0.58
CA THR G 23 -22.21 -1.46 -0.67
C THR G 23 -20.73 -1.56 -0.35
N ILE G 24 -20.04 -2.42 -1.08
CA ILE G 24 -18.61 -2.62 -0.91
C ILE G 24 -17.88 -1.85 -2.01
N GLU G 25 -17.22 -0.77 -1.65
CA GLU G 25 -16.51 0.04 -2.63
C GLU G 25 -15.26 -0.71 -3.11
N PRO G 26 -14.76 -0.37 -4.32
CA PRO G 26 -13.58 -0.97 -4.94
C PRO G 26 -12.30 -0.87 -4.12
N VAL G 27 -12.17 0.21 -3.36
CA VAL G 27 -11.00 0.39 -2.51
C VAL G 27 -11.52 0.51 -1.09
N ILE G 28 -11.34 -0.55 -0.31
CA ILE G 28 -11.80 -0.59 1.06
C ILE G 28 -10.79 0.01 2.03
N GLY G 29 -11.27 0.88 2.90
CA GLY G 29 -10.41 1.51 3.88
C GLY G 29 -10.58 0.87 5.24
N VAL G 30 -9.48 0.44 5.83
CA VAL G 30 -9.52 -0.17 7.14
C VAL G 30 -8.41 0.45 7.98
N LYS G 31 -8.80 1.07 9.08
CA LYS G 31 -7.88 1.73 10.00
C LYS G 31 -7.52 0.76 11.13
N VAL G 32 -6.26 0.33 11.15
CA VAL G 32 -5.80 -0.59 12.19
C VAL G 32 -4.85 0.16 13.12
N GLY G 33 -5.37 0.59 14.27
CA GLY G 33 -4.56 1.35 15.18
C GLY G 33 -4.39 2.73 14.58
N GLU G 34 -3.15 3.14 14.36
CA GLU G 34 -2.87 4.45 13.77
C GLU G 34 -2.57 4.33 12.28
N PHE G 35 -2.76 3.13 11.72
CA PHE G 35 -2.46 2.93 10.30
C PHE G 35 -3.71 2.80 9.43
N ALA G 36 -3.85 3.74 8.50
CA ALA G 36 -4.97 3.71 7.57
C ALA G 36 -4.50 2.79 6.46
N CYS G 37 -5.20 1.69 6.26
CA CYS G 37 -4.81 0.73 5.22
C CYS G 37 -5.90 0.61 4.18
N HIS G 38 -5.49 0.31 2.95
CA HIS G 38 -6.40 0.18 1.85
C HIS G 38 -6.28 -1.17 1.17
N ILE G 39 -7.43 -1.70 0.79
CA ILE G 39 -7.52 -3.01 0.16
C ILE G 39 -8.30 -2.92 -1.12
N THR G 40 -7.74 -3.47 -2.18
CA THR G 40 -8.40 -3.46 -3.46
C THR G 40 -7.97 -4.67 -4.30
N GLU G 41 -8.63 -4.89 -5.42
CA GLU G 41 -8.27 -5.98 -6.32
C GLU G 41 -7.55 -5.28 -7.47
N HIS G 42 -6.24 -5.49 -7.60
CA HIS G 42 -5.50 -4.83 -8.66
C HIS G 42 -4.13 -5.46 -8.87
N PRO G 43 -3.89 -6.03 -10.06
CA PRO G 43 -4.82 -6.15 -11.19
C PRO G 43 -5.86 -7.22 -10.86
N VAL G 44 -6.71 -7.56 -11.84
CA VAL G 44 -7.74 -8.58 -11.62
C VAL G 44 -7.10 -9.87 -11.09
N GLY G 45 -7.75 -10.48 -10.11
CA GLY G 45 -7.23 -11.72 -9.56
C GLY G 45 -6.15 -11.56 -8.50
N GLN G 46 -5.86 -10.31 -8.11
CA GLN G 46 -4.84 -10.04 -7.09
C GLN G 46 -5.37 -9.10 -6.02
N ILE G 47 -5.13 -9.42 -4.75
CA ILE G 47 -5.56 -8.54 -3.65
C ILE G 47 -4.34 -7.73 -3.24
N LEU G 48 -4.45 -6.42 -3.40
CA LEU G 48 -3.38 -5.48 -3.08
C LEU G 48 -3.76 -4.70 -1.83
N MET G 49 -2.81 -4.56 -0.91
CA MET G 49 -3.06 -3.79 0.29
C MET G 49 -1.89 -2.82 0.45
N PHE G 50 -2.21 -1.59 0.87
CA PHE G 50 -1.17 -0.61 1.05
C PHE G 50 -1.51 0.44 2.10
N THR G 51 -0.47 1.12 2.56
CA THR G 51 -0.60 2.16 3.55
C THR G 51 0.57 3.12 3.34
N LEU G 52 0.43 4.33 3.87
CA LEU G 52 1.49 5.33 3.75
C LEU G 52 2.20 5.33 5.09
N PRO G 53 3.43 4.77 5.14
CA PRO G 53 4.22 4.68 6.37
C PRO G 53 4.96 5.96 6.78
N SER G 54 5.36 5.99 8.05
CA SER G 54 6.11 7.10 8.59
C SER G 54 7.57 6.65 8.58
N LEU G 55 8.39 7.31 7.76
CA LEU G 55 9.79 6.93 7.65
C LEU G 55 10.74 7.73 8.53
N ASP G 56 11.79 7.05 9.01
CA ASP G 56 12.80 7.66 9.85
C ASP G 56 13.82 8.32 8.92
N ASN G 57 14.04 9.62 9.10
CA ASN G 57 14.98 10.36 8.28
C ASN G 57 16.42 9.94 8.50
N ASN G 58 16.69 9.30 9.64
CA ASN G 58 18.04 8.84 9.95
C ASN G 58 18.39 7.55 9.21
N ASP G 59 17.42 7.01 8.48
CA ASP G 59 17.66 5.79 7.71
C ASP G 59 18.14 6.15 6.32
N GLU G 60 19.24 5.53 5.90
CA GLU G 60 19.80 5.79 4.59
C GLU G 60 19.20 4.85 3.54
N LYS G 61 19.59 5.05 2.29
CA LYS G 61 19.11 4.23 1.18
C LYS G 61 19.29 2.73 1.44
N GLU G 62 20.52 2.31 1.75
CA GLU G 62 20.80 0.89 2.00
C GLU G 62 19.88 0.30 3.06
N THR G 63 19.65 1.05 4.13
CA THR G 63 18.82 0.60 5.23
C THR G 63 17.35 0.43 4.82
N LEU G 64 16.85 1.38 4.03
CA LEU G 64 15.48 1.31 3.57
C LEU G 64 15.28 0.19 2.55
N LEU G 65 16.21 0.08 1.61
CA LEU G 65 16.13 -0.96 0.59
C LEU G 65 16.26 -2.35 1.20
N SER G 66 17.00 -2.45 2.30
CA SER G 66 17.21 -3.73 2.98
C SER G 66 15.91 -4.38 3.40
N HIS G 67 14.90 -3.56 3.69
CA HIS G 67 13.59 -4.08 4.11
C HIS G 67 12.92 -4.86 2.99
N ASN G 68 13.31 -4.58 1.75
CA ASN G 68 12.71 -5.22 0.60
C ASN G 68 13.34 -6.53 0.09
N ILE G 69 14.27 -7.10 0.85
CA ILE G 69 14.90 -8.35 0.43
C ILE G 69 13.85 -9.46 0.52
N PHE G 70 13.84 -10.36 -0.44
CA PHE G 70 12.88 -11.45 -0.44
C PHE G 70 13.07 -12.35 0.77
N SER G 71 12.02 -13.06 1.16
CA SER G 71 12.06 -13.98 2.29
C SER G 71 11.20 -15.20 1.98
N GLN G 72 10.90 -16.00 2.99
CA GLN G 72 10.09 -17.18 2.80
C GLN G 72 8.60 -16.87 2.85
N ASP G 73 8.26 -15.65 3.24
CA ASP G 73 6.87 -15.23 3.31
C ASP G 73 6.55 -14.26 2.17
N ILE G 74 5.67 -14.68 1.26
CA ILE G 74 5.33 -13.86 0.11
C ILE G 74 4.48 -12.63 0.47
N LEU G 75 4.00 -12.57 1.72
CA LEU G 75 3.18 -11.45 2.17
C LEU G 75 4.02 -10.36 2.83
N LYS G 76 5.32 -10.55 2.87
CA LYS G 76 6.22 -9.55 3.45
C LYS G 76 6.04 -8.28 2.59
N PRO G 77 5.68 -7.16 3.21
CA PRO G 77 5.47 -5.90 2.49
C PRO G 77 6.69 -5.22 1.86
N ILE G 78 6.44 -4.54 0.74
CA ILE G 78 7.48 -3.84 -0.01
C ILE G 78 7.43 -2.34 0.27
N LEU G 79 8.59 -1.73 0.52
CA LEU G 79 8.64 -0.29 0.75
C LEU G 79 8.98 0.37 -0.57
N SER G 80 8.16 1.34 -0.98
CA SER G 80 8.37 2.06 -2.23
C SER G 80 8.02 3.53 -2.07
N TRP G 81 8.08 4.25 -3.17
CA TRP G 81 7.77 5.66 -3.18
C TRP G 81 6.93 6.00 -4.40
N ASP G 82 5.88 6.78 -4.20
CA ASP G 82 5.01 7.23 -5.28
C ASP G 82 5.44 8.65 -5.64
N GLU G 83 6.15 8.79 -6.75
CA GLU G 83 6.64 10.08 -7.22
C GLU G 83 5.54 11.06 -7.59
N VAL G 84 4.43 10.55 -8.11
CA VAL G 84 3.34 11.40 -8.51
C VAL G 84 2.69 12.11 -7.34
N GLY G 85 2.44 11.39 -6.26
CA GLY G 85 1.81 11.99 -5.10
C GLY G 85 2.77 12.40 -3.99
N GLY G 86 4.05 12.09 -4.15
CA GLY G 86 5.02 12.45 -3.13
C GLY G 86 4.79 11.79 -1.79
N HIS G 87 4.58 10.47 -1.77
CA HIS G 87 4.35 9.73 -0.53
C HIS G 87 5.11 8.40 -0.54
N PRO G 88 5.58 7.96 0.64
CA PRO G 88 6.27 6.67 0.64
C PRO G 88 5.08 5.69 0.66
N VAL G 89 5.20 4.51 0.05
CA VAL G 89 4.09 3.56 0.03
C VAL G 89 4.56 2.14 0.40
N LEU G 90 3.91 1.53 1.37
CA LEU G 90 4.23 0.17 1.83
C LEU G 90 3.08 -0.71 1.34
N TRP G 91 3.39 -1.80 0.64
CA TRP G 91 2.32 -2.63 0.11
C TRP G 91 2.66 -4.13 -0.01
N ASN G 92 1.62 -4.96 -0.02
CA ASN G 92 1.84 -6.39 -0.23
C ASN G 92 0.71 -6.87 -1.14
N ARG G 93 0.87 -8.07 -1.70
CA ARG G 93 -0.10 -8.58 -2.65
C ARG G 93 -0.13 -10.11 -2.70
N GLN G 94 -1.30 -10.69 -2.97
CA GLN G 94 -1.45 -12.14 -3.09
C GLN G 94 -2.61 -12.50 -4.00
N PRO G 95 -2.54 -13.69 -4.65
CA PRO G 95 -3.60 -14.13 -5.56
C PRO G 95 -4.95 -14.21 -4.83
N LEU G 96 -6.01 -13.84 -5.52
CA LEU G 96 -7.34 -13.90 -4.93
C LEU G 96 -7.87 -15.34 -4.90
N ASN G 97 -7.43 -16.17 -5.85
CA ASN G 97 -7.86 -17.57 -5.91
C ASN G 97 -7.01 -18.44 -4.97
N SER G 98 -5.98 -17.83 -4.38
CA SER G 98 -5.07 -18.51 -3.48
C SER G 98 -4.78 -17.63 -2.25
N LEU G 99 -5.78 -17.47 -1.39
CA LEU G 99 -5.64 -16.63 -0.20
C LEU G 99 -5.06 -17.35 1.02
N ASP G 100 -3.99 -16.77 1.58
CA ASP G 100 -3.32 -17.30 2.76
C ASP G 100 -4.32 -17.52 3.90
N ASN G 101 -4.38 -18.76 4.38
CA ASN G 101 -5.31 -19.13 5.45
C ASN G 101 -6.73 -18.83 5.02
N ASN G 102 -6.98 -18.93 3.72
CA ASN G 102 -8.29 -18.67 3.16
C ASN G 102 -8.90 -17.42 3.76
N SER G 103 -8.13 -16.33 3.73
CA SER G 103 -8.56 -15.06 4.28
C SER G 103 -7.54 -13.97 3.98
N LEU G 104 -7.94 -12.72 4.21
CA LEU G 104 -7.07 -11.56 3.99
C LEU G 104 -6.49 -11.08 5.32
N TYR G 105 -6.98 -11.66 6.40
CA TYR G 105 -6.54 -11.29 7.74
C TYR G 105 -5.02 -11.25 7.89
N THR G 106 -4.35 -12.33 7.47
CA THR G 106 -2.91 -12.39 7.59
C THR G 106 -2.17 -11.36 6.73
N GLN G 107 -2.67 -11.11 5.51
CA GLN G 107 -2.02 -10.12 4.65
C GLN G 107 -2.06 -8.74 5.31
N LEU G 108 -3.20 -8.40 5.90
CA LEU G 108 -3.37 -7.10 6.56
C LEU G 108 -2.49 -7.00 7.81
N GLU G 109 -2.45 -8.08 8.58
CA GLU G 109 -1.63 -8.10 9.78
C GLU G 109 -0.17 -7.94 9.41
N MET G 110 0.25 -8.57 8.32
CA MET G 110 1.63 -8.46 7.87
C MET G 110 1.97 -7.05 7.41
N LEU G 111 0.99 -6.36 6.82
CA LEU G 111 1.21 -4.99 6.34
C LEU G 111 1.41 -4.06 7.53
N VAL G 112 0.51 -4.14 8.51
CA VAL G 112 0.60 -3.28 9.68
C VAL G 112 1.88 -3.56 10.47
N GLN G 113 2.30 -4.81 10.54
CA GLN G 113 3.51 -5.15 11.28
C GLN G 113 4.69 -4.52 10.55
N GLY G 114 4.63 -4.49 9.23
CA GLY G 114 5.69 -3.89 8.45
C GLY G 114 5.73 -2.39 8.68
N ALA G 115 4.57 -1.78 8.87
CA ALA G 115 4.48 -0.34 9.11
C ALA G 115 5.03 -0.01 10.50
N GLU G 116 4.66 -0.82 11.49
CA GLU G 116 5.10 -0.61 12.86
C GLU G 116 6.62 -0.66 12.93
N ARG G 117 7.22 -1.58 12.19
CA ARG G 117 8.67 -1.71 12.20
C ARG G 117 9.33 -0.43 11.68
N LEU G 118 8.80 0.12 10.59
CA LEU G 118 9.35 1.33 10.01
C LEU G 118 9.23 2.53 10.95
N GLN G 119 8.27 2.46 11.88
CA GLN G 119 8.09 3.55 12.83
C GLN G 119 9.30 3.70 13.75
N TYR H 3 3.52 -27.84 -13.31
CA TYR H 3 5.01 -27.79 -13.44
C TYR H 3 5.76 -28.04 -12.14
N SER H 4 7.00 -28.45 -12.32
CA SER H 4 7.93 -28.67 -11.23
C SER H 4 9.01 -27.68 -11.62
N PHE H 5 9.93 -27.39 -10.71
CA PHE H 5 11.00 -26.45 -11.02
C PHE H 5 11.76 -26.92 -12.26
N GLU H 6 12.08 -28.21 -12.30
CA GLU H 6 12.82 -28.79 -13.41
C GLU H 6 12.14 -28.62 -14.78
N GLN H 7 10.84 -28.86 -14.85
CA GLN H 7 10.12 -28.73 -16.12
C GLN H 7 10.07 -27.28 -16.59
N ALA H 8 9.89 -26.37 -15.63
CA ALA H 8 9.81 -24.95 -15.97
C ALA H 8 11.13 -24.47 -16.55
N ILE H 9 12.22 -24.76 -15.86
CA ILE H 9 13.54 -24.37 -16.33
C ILE H 9 13.84 -24.99 -17.70
N THR H 10 13.52 -26.27 -17.87
CA THR H 10 13.79 -26.92 -19.14
C THR H 10 13.04 -26.23 -20.27
N GLN H 11 11.77 -25.89 -20.03
CA GLN H 11 11.00 -25.22 -21.07
C GLN H 11 11.60 -23.82 -21.35
N LEU H 12 12.02 -23.14 -20.31
CA LEU H 12 12.62 -21.81 -20.45
C LEU H 12 13.86 -21.87 -21.32
N PHE H 13 14.78 -22.78 -20.99
CA PHE H 13 16.02 -22.94 -21.75
C PHE H 13 15.76 -23.26 -23.21
N GLN H 14 14.72 -24.04 -23.46
CA GLN H 14 14.38 -24.40 -24.83
C GLN H 14 13.87 -23.16 -25.58
N GLN H 15 13.15 -22.28 -24.89
CA GLN H 15 12.63 -21.07 -25.52
C GLN H 15 13.79 -20.11 -25.78
N LEU H 16 14.81 -20.19 -24.94
CA LEU H 16 15.98 -19.33 -25.08
C LEU H 16 17.07 -19.96 -25.96
N SER H 17 16.78 -21.14 -26.53
CA SER H 17 17.74 -21.83 -27.38
C SER H 17 19.02 -22.17 -26.62
N LEU H 18 18.88 -22.55 -25.37
CA LEU H 18 20.03 -22.91 -24.55
C LEU H 18 20.15 -24.42 -24.39
N SER H 19 21.38 -24.90 -24.38
CA SER H 19 21.63 -26.32 -24.22
C SER H 19 21.09 -26.72 -22.85
N ILE H 20 20.34 -27.82 -22.81
CA ILE H 20 19.76 -28.28 -21.57
C ILE H 20 20.77 -29.05 -20.72
N PRO H 21 21.00 -28.58 -19.48
CA PRO H 21 21.92 -29.19 -18.53
C PRO H 21 21.58 -30.64 -18.25
N ASP H 22 22.61 -31.48 -18.15
CA ASP H 22 22.40 -32.90 -17.88
C ASP H 22 21.67 -32.98 -16.54
N THR H 23 22.04 -32.09 -15.62
CA THR H 23 21.41 -32.03 -14.31
C THR H 23 20.99 -30.61 -14.00
N ILE H 24 19.71 -30.42 -13.70
CA ILE H 24 19.18 -29.11 -13.37
C ILE H 24 19.35 -28.82 -11.88
N GLU H 25 20.35 -28.00 -11.56
CA GLU H 25 20.64 -27.64 -10.17
C GLU H 25 19.52 -26.80 -9.56
N PRO H 26 19.43 -26.75 -8.22
CA PRO H 26 18.41 -25.99 -7.49
C PRO H 26 18.46 -24.48 -7.73
N VAL H 27 19.63 -24.00 -8.17
CA VAL H 27 19.82 -22.58 -8.47
C VAL H 27 20.42 -22.49 -9.86
N ILE H 28 19.63 -21.99 -10.80
CA ILE H 28 20.07 -21.86 -12.19
C ILE H 28 20.58 -20.46 -12.51
N GLY H 29 21.58 -20.39 -13.36
CA GLY H 29 22.15 -19.10 -13.74
C GLY H 29 22.11 -18.88 -15.24
N VAL H 30 21.56 -17.74 -15.65
CA VAL H 30 21.47 -17.40 -17.07
C VAL H 30 22.06 -16.01 -17.27
N LYS H 31 22.76 -15.84 -18.38
CA LYS H 31 23.39 -14.57 -18.69
C LYS H 31 22.69 -13.89 -19.85
N VAL H 32 22.07 -12.74 -19.57
CA VAL H 32 21.39 -11.97 -20.60
C VAL H 32 22.12 -10.64 -20.73
N GLY H 33 22.83 -10.47 -21.85
CA GLY H 33 23.59 -9.24 -22.03
C GLY H 33 24.65 -9.14 -20.96
N GLU H 34 24.64 -8.05 -20.21
CA GLU H 34 25.62 -7.85 -19.15
C GLU H 34 25.13 -8.34 -17.79
N PHE H 35 23.87 -8.78 -17.72
CA PHE H 35 23.34 -9.22 -16.43
C PHE H 35 23.27 -10.72 -16.24
N ALA H 36 23.89 -11.17 -15.16
CA ALA H 36 23.89 -12.58 -14.81
C ALA H 36 22.67 -12.73 -13.91
N CYS H 37 21.69 -13.49 -14.37
CA CYS H 37 20.47 -13.68 -13.58
C CYS H 37 20.43 -15.06 -12.97
N HIS H 38 19.76 -15.17 -11.84
CA HIS H 38 19.66 -16.44 -11.13
C HIS H 38 18.21 -16.79 -10.85
N ILE H 39 17.87 -18.05 -11.09
CA ILE H 39 16.51 -18.55 -10.90
C ILE H 39 16.51 -19.68 -9.90
N THR H 40 15.52 -19.69 -9.01
CA THR H 40 15.42 -20.76 -8.02
C THR H 40 14.04 -20.81 -7.40
N GLU H 41 13.74 -21.88 -6.68
CA GLU H 41 12.43 -22.02 -6.03
C GLU H 41 12.57 -21.69 -4.55
N HIS H 42 12.11 -20.50 -4.17
CA HIS H 42 12.20 -20.04 -2.78
C HIS H 42 11.17 -18.95 -2.51
N PRO H 43 10.21 -19.21 -1.59
CA PRO H 43 10.06 -20.48 -0.86
C PRO H 43 9.50 -21.57 -1.78
N VAL H 44 9.11 -22.69 -1.20
CA VAL H 44 8.56 -23.79 -1.98
C VAL H 44 7.26 -23.34 -2.65
N GLY H 45 7.17 -23.59 -3.96
CA GLY H 45 5.98 -23.21 -4.69
C GLY H 45 6.07 -21.82 -5.29
N GLN H 46 7.23 -21.20 -5.21
CA GLN H 46 7.44 -19.86 -5.74
C GLN H 46 8.71 -19.81 -6.59
N ILE H 47 8.61 -19.25 -7.80
CA ILE H 47 9.78 -19.12 -8.66
C ILE H 47 10.37 -17.72 -8.46
N LEU H 48 11.59 -17.67 -7.92
CA LEU H 48 12.27 -16.42 -7.65
C LEU H 48 13.39 -16.18 -8.64
N MET H 49 13.50 -14.96 -9.13
CA MET H 49 14.57 -14.61 -10.05
C MET H 49 15.25 -13.36 -9.50
N PHE H 50 16.56 -13.29 -9.59
CA PHE H 50 17.25 -12.13 -9.08
C PHE H 50 18.59 -11.87 -9.74
N THR H 51 19.05 -10.63 -9.62
CA THR H 51 20.32 -10.23 -10.19
C THR H 51 20.89 -9.08 -9.37
N LEU H 52 22.19 -8.83 -9.53
CA LEU H 52 22.85 -7.75 -8.83
C LEU H 52 23.13 -6.63 -9.82
N PRO H 53 22.29 -5.58 -9.78
CA PRO H 53 22.46 -4.45 -10.69
C PRO H 53 23.51 -3.46 -10.22
N SER H 54 23.75 -2.44 -11.03
CA SER H 54 24.71 -1.39 -10.72
C SER H 54 23.89 -0.12 -10.48
N LEU H 55 23.86 0.34 -9.23
CA LEU H 55 23.10 1.53 -8.90
C LEU H 55 23.88 2.81 -9.14
N ASP H 56 23.14 3.91 -9.28
CA ASP H 56 23.72 5.22 -9.52
C ASP H 56 23.74 6.04 -8.23
N ASN H 57 24.90 6.62 -7.91
CA ASN H 57 25.05 7.42 -6.71
C ASN H 57 24.07 8.59 -6.69
N ASN H 58 24.00 9.31 -7.81
CA ASN H 58 23.12 10.45 -7.95
C ASN H 58 21.72 10.15 -7.43
N ASP H 59 21.26 8.91 -7.66
CA ASP H 59 19.92 8.51 -7.22
C ASP H 59 19.81 8.55 -5.69
N GLU H 60 18.85 9.32 -5.21
CA GLU H 60 18.61 9.45 -3.79
C GLU H 60 17.64 8.35 -3.36
N LYS H 61 17.38 8.26 -2.07
CA LYS H 61 16.48 7.23 -1.55
C LYS H 61 15.10 7.26 -2.22
N GLU H 62 14.55 8.47 -2.42
CA GLU H 62 13.24 8.60 -3.04
C GLU H 62 13.24 8.03 -4.46
N THR H 63 14.27 8.37 -5.23
CA THR H 63 14.39 7.91 -6.61
C THR H 63 14.58 6.40 -6.67
N LEU H 64 15.33 5.84 -5.73
CA LEU H 64 15.55 4.40 -5.71
C LEU H 64 14.28 3.66 -5.30
N LEU H 65 13.57 4.20 -4.32
CA LEU H 65 12.34 3.58 -3.84
C LEU H 65 11.19 3.69 -4.84
N SER H 66 11.28 4.66 -5.76
CA SER H 66 10.24 4.84 -6.77
C SER H 66 10.13 3.65 -7.71
N HIS H 67 11.22 2.92 -7.87
CA HIS H 67 11.23 1.75 -8.74
C HIS H 67 10.36 0.61 -8.19
N ASN H 68 10.08 0.65 -6.89
CA ASN H 68 9.31 -0.40 -6.23
C ASN H 68 7.80 -0.22 -6.16
N ILE H 69 7.26 0.88 -6.68
CA ILE H 69 5.81 1.07 -6.59
C ILE H 69 5.11 -0.02 -7.42
N PHE H 70 3.97 -0.49 -6.94
CA PHE H 70 3.22 -1.53 -7.64
C PHE H 70 2.58 -1.02 -8.94
N SER H 71 2.29 -1.94 -9.85
CA SER H 71 1.63 -1.61 -11.12
C SER H 71 0.60 -2.71 -11.38
N GLN H 72 0.16 -2.82 -12.63
CA GLN H 72 -0.81 -3.86 -12.99
C GLN H 72 -0.05 -5.13 -13.38
N ASP H 73 1.28 -5.04 -13.46
CA ASP H 73 2.10 -6.20 -13.82
C ASP H 73 2.78 -6.80 -12.59
N ILE H 74 2.30 -7.95 -12.13
CA ILE H 74 2.86 -8.56 -10.93
C ILE H 74 4.30 -9.07 -11.05
N LEU H 75 4.85 -9.06 -12.26
CA LEU H 75 6.23 -9.52 -12.48
C LEU H 75 7.21 -8.35 -12.43
N LYS H 76 6.71 -7.14 -12.20
CA LYS H 76 7.59 -5.98 -12.09
C LYS H 76 8.57 -6.28 -10.93
N PRO H 77 9.88 -6.14 -11.18
CA PRO H 77 10.88 -6.42 -10.15
C PRO H 77 10.96 -5.44 -8.97
N ILE H 78 11.53 -5.92 -7.87
CA ILE H 78 11.68 -5.14 -6.64
C ILE H 78 13.18 -4.84 -6.40
N LEU H 79 13.49 -3.57 -6.16
CA LEU H 79 14.89 -3.23 -5.88
C LEU H 79 15.09 -3.33 -4.37
N SER H 80 16.13 -4.04 -3.97
CA SER H 80 16.43 -4.23 -2.56
C SER H 80 17.94 -4.15 -2.31
N TRP H 81 18.32 -4.36 -1.05
CA TRP H 81 19.72 -4.32 -0.68
C TRP H 81 20.04 -5.46 0.27
N ASP H 82 21.19 -6.08 0.05
CA ASP H 82 21.65 -7.19 0.88
C ASP H 82 22.67 -6.60 1.85
N GLU H 83 22.18 -6.20 3.01
CA GLU H 83 23.02 -5.58 4.02
C GLU H 83 24.28 -6.38 4.36
N VAL H 84 24.12 -7.67 4.61
CA VAL H 84 25.24 -8.55 4.95
C VAL H 84 26.33 -8.57 3.90
N GLY H 85 25.94 -8.70 2.63
CA GLY H 85 26.92 -8.74 1.56
C GLY H 85 27.27 -7.38 0.99
N GLY H 86 26.50 -6.35 1.36
CA GLY H 86 26.75 -5.02 0.86
C GLY H 86 26.50 -4.86 -0.63
N HIS H 87 25.46 -5.52 -1.13
CA HIS H 87 25.12 -5.45 -2.54
C HIS H 87 23.62 -5.23 -2.78
N PRO H 88 23.28 -4.47 -3.83
CA PRO H 88 21.86 -4.25 -4.12
C PRO H 88 21.34 -5.51 -4.81
N VAL H 89 20.07 -5.84 -4.62
CA VAL H 89 19.48 -7.03 -5.25
C VAL H 89 18.14 -6.72 -5.89
N LEU H 90 18.03 -6.99 -7.19
CA LEU H 90 16.81 -6.77 -7.95
C LEU H 90 16.16 -8.13 -8.17
N TRP H 91 14.90 -8.28 -7.78
CA TRP H 91 14.22 -9.56 -7.92
C TRP H 91 12.72 -9.49 -8.17
N ASN H 92 12.18 -10.57 -8.74
CA ASN H 92 10.75 -10.70 -8.93
C ASN H 92 10.36 -12.15 -8.61
N ARG H 93 9.06 -12.41 -8.43
CA ARG H 93 8.65 -13.74 -8.03
C ARG H 93 7.21 -14.04 -8.42
N GLN H 94 6.90 -15.31 -8.66
CA GLN H 94 5.54 -15.72 -9.02
C GLN H 94 5.31 -17.17 -8.60
N PRO H 95 4.04 -17.55 -8.40
CA PRO H 95 3.66 -18.90 -7.99
C PRO H 95 3.91 -19.96 -9.06
N LEU H 96 4.51 -21.08 -8.63
CA LEU H 96 4.79 -22.18 -9.53
C LEU H 96 3.51 -22.86 -10.00
N ASN H 97 2.48 -22.89 -9.15
CA ASN H 97 1.23 -23.55 -9.50
C ASN H 97 0.34 -22.85 -10.53
N SER H 98 0.70 -21.64 -10.94
CA SER H 98 -0.11 -20.94 -11.92
C SER H 98 0.70 -20.61 -13.17
N LEU H 99 1.85 -21.25 -13.32
CA LEU H 99 2.68 -20.99 -14.50
C LEU H 99 2.05 -21.60 -15.75
N ASP H 100 2.25 -20.93 -16.88
CA ASP H 100 1.80 -21.47 -18.15
C ASP H 100 3.10 -21.55 -18.95
N ASN H 101 3.02 -21.88 -20.23
CA ASN H 101 4.23 -22.02 -21.05
C ASN H 101 5.15 -20.81 -21.13
N ASN H 102 4.57 -19.61 -21.07
CA ASN H 102 5.35 -18.39 -21.23
C ASN H 102 5.64 -17.58 -19.97
N SER H 103 5.25 -18.10 -18.80
CA SER H 103 5.48 -17.39 -17.54
C SER H 103 6.92 -17.06 -17.15
N LEU H 104 7.80 -18.07 -17.13
CA LEU H 104 9.20 -17.82 -16.75
C LEU H 104 9.95 -16.95 -17.73
N TYR H 105 9.63 -17.06 -19.02
CA TYR H 105 10.29 -16.24 -20.02
C TYR H 105 9.93 -14.78 -19.77
N THR H 106 8.64 -14.53 -19.54
CA THR H 106 8.16 -13.18 -19.28
C THR H 106 8.80 -12.60 -18.00
N GLN H 107 8.87 -13.44 -16.97
CA GLN H 107 9.46 -13.03 -15.70
C GLN H 107 10.93 -12.64 -15.86
N LEU H 108 11.65 -13.36 -16.71
CA LEU H 108 13.07 -13.08 -16.91
C LEU H 108 13.19 -11.78 -17.71
N GLU H 109 12.35 -11.62 -18.72
CA GLU H 109 12.36 -10.42 -19.53
C GLU H 109 12.11 -9.19 -18.64
N MET H 110 11.12 -9.29 -17.75
CA MET H 110 10.80 -8.19 -16.86
C MET H 110 11.95 -7.89 -15.90
N LEU H 111 12.65 -8.93 -15.45
CA LEU H 111 13.77 -8.73 -14.53
C LEU H 111 14.90 -7.97 -15.21
N VAL H 112 15.29 -8.41 -16.40
CA VAL H 112 16.39 -7.76 -17.11
C VAL H 112 16.03 -6.34 -17.53
N GLN H 113 14.79 -6.14 -17.98
CA GLN H 113 14.39 -4.81 -18.39
C GLN H 113 14.46 -3.89 -17.17
N GLY H 114 14.20 -4.45 -16.00
CA GLY H 114 14.27 -3.67 -14.78
C GLY H 114 15.72 -3.31 -14.47
N ALA H 115 16.61 -4.27 -14.67
CA ALA H 115 18.03 -4.04 -14.43
C ALA H 115 18.58 -2.96 -15.35
N GLU H 116 18.25 -3.06 -16.63
CA GLU H 116 18.71 -2.08 -17.60
C GLU H 116 18.24 -0.67 -17.29
N ARG H 117 17.00 -0.54 -16.83
CA ARG H 117 16.47 0.77 -16.49
C ARG H 117 17.29 1.45 -15.42
N LEU H 118 17.78 0.66 -14.46
CA LEU H 118 18.59 1.20 -13.37
C LEU H 118 19.95 1.71 -13.85
N GLN H 119 20.02 2.16 -15.09
CA GLN H 119 21.27 2.67 -15.63
C GLN H 119 21.02 3.83 -16.61
N SER I 6 24.95 33.50 10.66
CA SER I 6 24.21 34.71 10.19
C SER I 6 23.97 34.68 8.67
N VAL I 7 25.03 34.88 7.90
CA VAL I 7 24.87 34.84 6.44
C VAL I 7 24.40 33.44 6.08
N GLY I 8 23.48 33.36 5.12
CA GLY I 8 22.96 32.07 4.70
C GLY I 8 21.87 31.51 5.58
N GLU I 9 21.23 32.36 6.37
CA GLU I 9 20.17 31.90 7.25
C GLU I 9 18.97 32.83 7.42
N MET I 10 17.84 32.24 7.81
CA MET I 10 16.61 32.97 8.08
C MET I 10 15.79 32.14 9.06
N SER I 11 15.09 32.81 9.96
CA SER I 11 14.32 32.14 11.00
C SER I 11 15.23 31.15 11.73
N GLY I 12 16.41 31.66 12.11
CA GLY I 12 17.40 30.87 12.84
C GLY I 12 17.63 29.49 12.26
N ARG I 13 17.43 29.35 10.95
CA ARG I 13 17.61 28.08 10.28
C ARG I 13 18.50 28.22 9.07
N SER I 14 19.30 27.19 8.80
CA SER I 14 20.19 27.23 7.66
C SER I 14 19.37 27.05 6.39
N VAL I 15 19.74 27.79 5.35
CA VAL I 15 19.02 27.72 4.09
C VAL I 15 19.87 27.10 3.01
N SER I 16 19.23 26.36 2.12
CA SER I 16 19.93 25.71 1.02
C SER I 16 18.99 25.51 -0.16
N GLN I 17 19.56 25.40 -1.35
CA GLN I 17 18.73 25.17 -2.53
C GLN I 17 18.55 23.66 -2.65
N GLN I 18 17.38 23.27 -3.12
CA GLN I 18 17.05 21.86 -3.26
C GLN I 18 16.37 21.66 -4.61
N THR I 19 16.73 20.59 -5.32
CA THR I 19 16.11 20.31 -6.61
C THR I 19 14.66 19.90 -6.34
N SER I 20 13.72 20.52 -7.04
CA SER I 20 12.30 20.21 -6.84
C SER I 20 11.96 18.84 -7.41
N ASP I 21 11.14 18.08 -6.69
CA ASP I 21 10.77 16.75 -7.19
C ASP I 21 9.56 16.80 -8.11
N GLN I 22 9.17 15.64 -8.63
CA GLN I 22 8.04 15.55 -9.54
C GLN I 22 6.73 16.06 -8.95
N TYR I 23 6.45 15.74 -7.69
CA TYR I 23 5.18 16.19 -7.09
C TYR I 23 5.11 17.71 -6.94
N ALA I 24 6.22 18.32 -6.56
CA ALA I 24 6.29 19.77 -6.39
C ALA I 24 6.11 20.45 -7.74
N ASN I 25 6.82 19.96 -8.76
CA ASN I 25 6.70 20.53 -10.10
C ASN I 25 5.28 20.44 -10.63
N ASN I 26 4.60 19.34 -10.34
CA ASN I 26 3.24 19.19 -10.83
C ASN I 26 2.24 20.05 -10.07
N LEU I 27 2.38 20.09 -8.75
CA LEU I 27 1.47 20.90 -7.95
C LEU I 27 1.63 22.38 -8.31
N ALA I 28 2.87 22.78 -8.60
CA ALA I 28 3.15 24.18 -8.95
C ALA I 28 2.39 24.66 -10.18
N GLY I 29 2.08 23.77 -11.10
CA GLY I 29 1.37 24.18 -12.30
C GLY I 29 -0.12 23.87 -12.25
N ARG I 30 -0.62 23.56 -11.06
CA ARG I 30 -2.03 23.24 -10.89
C ARG I 30 -3.01 24.25 -11.46
N THR I 31 -3.95 23.77 -12.28
CA THR I 31 -4.98 24.60 -12.88
C THR I 31 -6.33 23.95 -12.58
N GLU I 32 -7.40 24.72 -12.70
CA GLU I 32 -8.75 24.27 -12.41
C GLU I 32 -9.63 24.78 -13.55
N SER I 33 -10.45 23.92 -14.15
CA SER I 33 -11.30 24.39 -15.25
C SER I 33 -12.25 25.46 -14.72
N PRO I 34 -12.48 26.51 -15.51
CA PRO I 34 -13.36 27.61 -15.13
C PRO I 34 -14.83 27.20 -15.09
N GLN I 35 -15.65 28.01 -14.42
CA GLN I 35 -17.07 27.74 -14.34
C GLN I 35 -17.80 28.79 -15.18
N GLY I 36 -18.93 28.40 -15.79
CA GLY I 36 -19.70 29.33 -16.60
C GLY I 36 -20.26 30.50 -15.79
N SER I 37 -20.69 31.56 -16.49
CA SER I 37 -21.25 32.75 -15.83
C SER I 37 -22.52 32.45 -15.07
N SER I 38 -22.86 33.31 -14.12
CA SER I 38 -24.06 33.11 -13.32
C SER I 38 -24.56 34.38 -12.63
N LEU I 39 -23.74 35.40 -12.56
CA LEU I 39 -24.11 36.64 -11.88
C LEU I 39 -25.26 37.36 -12.60
N ALA I 40 -25.18 37.44 -13.92
CA ALA I 40 -26.21 38.10 -14.72
C ALA I 40 -27.59 37.46 -14.60
N SER I 41 -27.61 36.15 -14.35
CA SER I 41 -28.88 35.43 -14.23
C SER I 41 -29.28 35.21 -12.78
N ARG I 42 -29.21 36.27 -11.97
CA ARG I 42 -29.59 36.18 -10.57
C ARG I 42 -30.15 37.47 -10.03
N ILE I 43 -30.99 37.36 -9.00
CA ILE I 43 -31.60 38.51 -8.38
C ILE I 43 -30.58 39.25 -7.54
N ILE I 44 -30.11 40.38 -8.05
CA ILE I 44 -29.13 41.18 -7.34
C ILE I 44 -29.76 42.45 -6.79
N GLU I 45 -29.48 42.74 -5.52
CA GLU I 45 -30.05 43.91 -4.88
C GLU I 45 -29.03 44.56 -3.97
N ARG I 46 -29.10 45.88 -3.84
CA ARG I 46 -28.20 46.62 -2.98
C ARG I 46 -28.70 46.43 -1.55
N LEU I 47 -27.87 45.83 -0.69
CA LEU I 47 -28.27 45.58 0.68
C LEU I 47 -28.93 46.76 1.40
N SER I 48 -30.12 46.51 1.93
CA SER I 48 -30.88 47.52 2.65
C SER I 48 -30.52 47.55 4.13
N SER I 49 -29.98 46.43 4.63
CA SER I 49 -29.58 46.32 6.04
C SER I 49 -28.44 45.30 6.20
N VAL I 50 -27.82 45.31 7.38
CA VAL I 50 -26.72 44.38 7.69
C VAL I 50 -27.08 43.44 8.83
N ALA I 51 -26.79 42.15 8.65
CA ALA I 51 -27.09 41.14 9.67
C ALA I 51 -26.41 41.49 11.00
N HIS I 52 -26.77 40.77 12.06
CA HIS I 52 -26.20 41.02 13.38
C HIS I 52 -24.76 40.53 13.50
N SER I 53 -24.53 39.28 13.09
CA SER I 53 -23.21 38.68 13.15
C SER I 53 -22.21 39.40 12.23
N VAL I 54 -22.73 40.16 11.28
CA VAL I 54 -21.89 40.89 10.34
C VAL I 54 -21.39 42.22 10.91
N ILE I 55 -22.26 42.92 11.64
CA ILE I 55 -21.89 44.20 12.23
C ILE I 55 -20.68 44.01 13.14
N GLY I 56 -20.78 43.06 14.06
CA GLY I 56 -19.68 42.80 14.97
C GLY I 56 -18.40 42.50 14.22
N PHE I 57 -18.50 41.53 13.30
CA PHE I 57 -17.36 41.13 12.49
C PHE I 57 -16.76 42.38 11.81
N ILE I 58 -17.64 43.13 11.16
CA ILE I 58 -17.23 44.35 10.47
C ILE I 58 -16.51 45.32 11.39
N GLN I 59 -17.21 45.83 12.40
CA GLN I 59 -16.62 46.77 13.34
C GLN I 59 -15.44 46.19 14.11
N ARG I 60 -15.35 44.85 14.14
CA ARG I 60 -14.26 44.20 14.86
C ARG I 60 -12.93 44.26 14.11
N MET I 61 -12.97 44.02 12.81
CA MET I 61 -11.77 44.06 12.00
C MET I 61 -11.73 45.24 11.03
N PHE I 62 -12.73 46.11 11.13
CA PHE I 62 -12.83 47.29 10.27
C PHE I 62 -13.04 48.57 11.09
N VAL J 7 6.57 -5.71 -47.96
CA VAL J 7 5.16 -5.46 -48.20
C VAL J 7 4.34 -6.73 -48.06
N GLY J 8 3.43 -6.74 -47.09
CA GLY J 8 2.60 -7.91 -46.87
C GLY J 8 1.26 -7.82 -47.58
N GLU J 9 0.36 -8.75 -47.29
CA GLU J 9 -0.96 -8.73 -47.91
C GLU J 9 -2.04 -9.40 -47.06
N MET J 10 -3.24 -8.83 -47.06
CA MET J 10 -4.36 -9.40 -46.33
C MET J 10 -5.59 -9.46 -47.22
N SER J 11 -5.74 -10.60 -47.89
CA SER J 11 -6.86 -10.85 -48.78
C SER J 11 -7.07 -9.73 -49.81
N GLY J 12 -5.98 -9.25 -50.40
CA GLY J 12 -6.08 -8.19 -51.39
C GLY J 12 -5.60 -6.83 -50.94
N ARG J 13 -5.51 -6.61 -49.64
CA ARG J 13 -5.08 -5.33 -49.08
C ARG J 13 -3.58 -5.30 -48.82
N SER J 14 -2.94 -4.17 -49.12
CA SER J 14 -1.51 -4.06 -48.88
C SER J 14 -1.31 -3.92 -47.37
N VAL J 15 -0.23 -4.51 -46.84
CA VAL J 15 0.04 -4.46 -45.41
C VAL J 15 1.47 -4.03 -45.07
N SER J 16 1.60 -3.27 -43.99
CA SER J 16 2.90 -2.79 -43.55
C SER J 16 2.87 -2.48 -42.05
N GLN J 17 4.02 -2.56 -41.40
CA GLN J 17 4.10 -2.26 -39.98
C GLN J 17 4.28 -0.75 -39.85
N GLN J 18 3.70 -0.18 -38.80
CA GLN J 18 3.75 1.25 -38.58
C GLN J 18 4.02 1.53 -37.09
N THR J 19 4.92 2.45 -36.80
CA THR J 19 5.21 2.77 -35.41
C THR J 19 3.99 3.46 -34.80
N SER J 20 3.52 2.94 -33.67
CA SER J 20 2.34 3.51 -33.01
C SER J 20 2.66 4.88 -32.43
N ASP J 21 1.72 5.82 -32.56
CA ASP J 21 1.93 7.15 -32.02
C ASP J 21 1.49 7.25 -30.58
N GLN J 22 1.67 8.44 -30.00
CA GLN J 22 1.31 8.69 -28.61
C GLN J 22 -0.16 8.44 -28.29
N TYR J 23 -1.06 8.88 -29.16
CA TYR J 23 -2.49 8.70 -28.91
C TYR J 23 -2.91 7.23 -28.90
N ALA J 24 -2.33 6.45 -29.81
CA ALA J 24 -2.65 5.02 -29.90
C ALA J 24 -2.12 4.29 -28.67
N ASN J 25 -0.88 4.57 -28.30
CA ASN J 25 -0.27 3.95 -27.13
C ASN J 25 -1.05 4.24 -25.86
N ASN J 26 -1.60 5.46 -25.76
CA ASN J 26 -2.35 5.85 -24.57
C ASN J 26 -3.75 5.25 -24.55
N LEU J 27 -4.39 5.20 -25.72
CA LEU J 27 -5.74 4.63 -25.78
C LEU J 27 -5.66 3.14 -25.48
N ALA J 28 -4.60 2.51 -25.95
CA ALA J 28 -4.40 1.07 -25.77
C ALA J 28 -4.38 0.65 -24.31
N GLY J 29 -3.90 1.52 -23.42
CA GLY J 29 -3.85 1.17 -22.01
C GLY J 29 -5.00 1.73 -21.20
N ARG J 30 -6.02 2.22 -21.88
CA ARG J 30 -7.18 2.80 -21.20
C ARG J 30 -7.80 1.92 -20.11
N THR J 31 -7.99 2.50 -18.93
CA THR J 31 -8.61 1.82 -17.81
C THR J 31 -9.76 2.71 -17.32
N GLU J 32 -10.66 2.12 -16.54
CA GLU J 32 -11.83 2.81 -16.03
C GLU J 32 -11.94 2.41 -14.55
N SER J 33 -12.12 3.37 -13.65
CA SER J 33 -12.24 3.04 -12.22
C SER J 33 -13.49 2.18 -12.01
N PRO J 34 -13.37 1.12 -11.21
CA PRO J 34 -14.49 0.22 -10.92
C PRO J 34 -15.61 0.88 -10.12
N GLN J 35 -16.78 0.26 -10.14
CA GLN J 35 -17.93 0.77 -9.40
C GLN J 35 -18.22 -0.17 -8.22
N GLY J 36 -18.70 0.38 -7.12
CA GLY J 36 -18.99 -0.43 -5.95
C GLY J 36 -20.10 -1.45 -6.20
N SER J 37 -20.20 -2.45 -5.33
CA SER J 37 -21.22 -3.50 -5.46
C SER J 37 -22.63 -2.95 -5.33
N SER J 38 -23.61 -3.68 -5.87
CA SER J 38 -24.99 -3.23 -5.82
C SER J 38 -26.00 -4.35 -6.02
N LEU J 39 -25.54 -5.51 -6.50
CA LEU J 39 -26.45 -6.61 -6.76
C LEU J 39 -27.08 -7.14 -5.47
N ALA J 40 -26.25 -7.33 -4.45
CA ALA J 40 -26.72 -7.85 -3.17
C ALA J 40 -27.78 -6.96 -2.51
N SER J 41 -27.72 -5.65 -2.76
CA SER J 41 -28.67 -4.72 -2.17
C SER J 41 -29.81 -4.36 -3.11
N ARG J 42 -30.40 -5.37 -3.77
CA ARG J 42 -31.50 -5.12 -4.68
C ARG J 42 -32.49 -6.28 -4.69
N ILE J 43 -33.73 -5.96 -5.05
CA ILE J 43 -34.79 -6.95 -5.11
C ILE J 43 -34.58 -7.80 -6.35
N ILE J 44 -34.12 -9.03 -6.16
CA ILE J 44 -33.89 -9.94 -7.26
C ILE J 44 -34.95 -11.03 -7.26
N GLU J 45 -35.49 -11.34 -8.44
CA GLU J 45 -36.52 -12.36 -8.55
C GLU J 45 -36.36 -13.12 -9.85
N ARG J 46 -36.75 -14.39 -9.83
CA ARG J 46 -36.66 -15.22 -11.02
C ARG J 46 -37.85 -14.85 -11.89
N LEU J 47 -37.59 -14.38 -13.12
CA LEU J 47 -38.67 -13.98 -14.02
C LEU J 47 -39.80 -14.99 -14.14
N SER J 48 -41.01 -14.49 -13.92
CA SER J 48 -42.22 -15.32 -13.99
C SER J 48 -42.79 -15.33 -15.41
N SER J 49 -42.47 -14.31 -16.18
CA SER J 49 -42.93 -14.20 -17.55
C SER J 49 -41.96 -13.39 -18.41
N VAL J 50 -42.15 -13.41 -19.72
CA VAL J 50 -41.29 -12.69 -20.66
C VAL J 50 -42.08 -11.63 -21.43
N ALA J 51 -41.52 -10.43 -21.55
CA ALA J 51 -42.18 -9.34 -22.26
C ALA J 51 -42.46 -9.73 -23.71
N HIS J 52 -43.25 -8.90 -24.40
CA HIS J 52 -43.60 -9.18 -25.79
C HIS J 52 -42.44 -8.94 -26.75
N SER J 53 -41.83 -7.77 -26.64
CA SER J 53 -40.71 -7.40 -27.49
C SER J 53 -39.52 -8.33 -27.29
N VAL J 54 -39.51 -9.05 -26.18
CA VAL J 54 -38.41 -9.96 -25.85
C VAL J 54 -38.57 -11.33 -26.52
N ILE J 55 -39.80 -11.83 -26.57
CA ILE J 55 -40.07 -13.13 -27.18
C ILE J 55 -39.62 -13.12 -28.63
N GLY J 56 -40.06 -12.11 -29.37
CA GLY J 56 -39.68 -11.99 -30.77
C GLY J 56 -38.18 -11.95 -30.91
N PHE J 57 -37.55 -11.04 -30.18
CA PHE J 57 -36.09 -10.89 -30.21
C PHE J 57 -35.45 -12.24 -29.93
N ILE J 58 -35.91 -12.88 -28.85
CA ILE J 58 -35.38 -14.18 -28.45
C ILE J 58 -35.50 -15.20 -29.58
N GLN J 59 -36.73 -15.54 -29.94
CA GLN J 59 -36.96 -16.51 -30.99
C GLN J 59 -36.38 -16.09 -32.35
N ARG J 60 -36.09 -14.80 -32.50
CA ARG J 60 -35.54 -14.30 -33.75
C ARG J 60 -34.07 -14.65 -33.92
N MET J 61 -33.29 -14.46 -32.85
CA MET J 61 -31.86 -14.76 -32.90
C MET J 61 -31.49 -15.98 -32.07
N PHE J 62 -32.49 -16.65 -31.51
CA PHE J 62 -32.26 -17.83 -30.69
C PHE J 62 -33.13 -19.01 -31.16
N GLY K 8 -12.78 -20.42 28.22
CA GLY K 8 -11.99 -19.25 27.76
C GLY K 8 -11.29 -19.49 26.43
N GLU K 9 -10.34 -18.62 26.10
CA GLU K 9 -9.61 -18.73 24.85
C GLU K 9 -8.35 -17.86 24.82
N MET K 10 -7.34 -18.32 24.09
CA MET K 10 -6.08 -17.59 23.95
C MET K 10 -5.67 -17.52 22.48
N SER K 11 -6.09 -16.46 21.81
CA SER K 11 -5.77 -16.27 20.40
C SER K 11 -6.05 -17.54 19.60
N GLY K 12 -7.26 -18.08 19.76
CA GLY K 12 -7.63 -19.28 19.05
C GLY K 12 -7.86 -20.48 19.95
N ARG K 13 -6.80 -20.99 20.56
CA ARG K 13 -6.89 -22.14 21.44
C ARG K 13 -7.95 -21.92 22.51
N SER K 14 -8.59 -23.00 22.96
CA SER K 14 -9.59 -22.88 24.01
C SER K 14 -8.89 -23.07 25.35
N VAL K 15 -9.38 -22.40 26.38
CA VAL K 15 -8.78 -22.49 27.71
C VAL K 15 -9.76 -22.81 28.82
N SER K 16 -9.35 -23.70 29.72
CA SER K 16 -10.17 -24.12 30.85
C SER K 16 -9.28 -24.44 32.05
N GLN K 17 -9.82 -24.32 33.26
CA GLN K 17 -9.05 -24.65 34.45
C GLN K 17 -9.09 -26.16 34.63
N GLN K 18 -8.00 -26.72 35.16
CA GLN K 18 -7.89 -28.16 35.36
C GLN K 18 -7.22 -28.43 36.70
N THR K 19 -7.77 -29.35 37.48
CA THR K 19 -7.18 -29.69 38.77
C THR K 19 -5.83 -30.34 38.53
N SER K 20 -4.79 -29.84 39.18
CA SER K 20 -3.43 -30.38 39.01
C SER K 20 -3.29 -31.74 39.67
N ASP K 21 -2.63 -32.67 39.00
CA ASP K 21 -2.45 -34.00 39.57
C ASP K 21 -1.23 -34.08 40.48
N GLN K 22 -1.01 -35.26 41.06
CA GLN K 22 0.10 -35.49 41.98
C GLN K 22 1.48 -35.24 41.38
N TYR K 23 1.69 -35.68 40.15
CA TYR K 23 2.99 -35.48 39.51
C TYR K 23 3.31 -33.99 39.29
N ALA K 24 2.30 -33.23 38.87
CA ALA K 24 2.46 -31.80 38.62
C ALA K 24 2.75 -31.05 39.90
N ASN K 25 1.98 -31.36 40.94
CA ASN K 25 2.16 -30.73 42.23
C ASN K 25 3.56 -31.00 42.77
N ASN K 26 4.04 -32.22 42.58
CA ASN K 26 5.37 -32.58 43.08
C ASN K 26 6.48 -31.93 42.27
N LEU K 27 6.36 -31.96 40.95
CA LEU K 27 7.38 -31.36 40.11
C LEU K 27 7.47 -29.85 40.39
N ALA K 28 6.32 -29.23 40.65
CA ALA K 28 6.23 -27.80 40.92
C ALA K 28 7.06 -27.35 42.12
N GLY K 29 7.25 -28.23 43.09
CA GLY K 29 8.03 -27.87 44.26
C GLY K 29 9.44 -28.41 44.25
N ARG K 30 9.89 -28.86 43.09
CA ARG K 30 11.22 -29.43 42.93
C ARG K 30 12.37 -28.59 43.48
N THR K 31 13.19 -29.19 44.33
CA THR K 31 14.35 -28.50 44.89
C THR K 31 15.57 -29.37 44.60
N GLU K 32 16.74 -28.76 44.68
CA GLU K 32 18.00 -29.43 44.40
C GLU K 32 18.95 -29.03 45.52
N SER K 33 19.67 -29.97 46.12
CA SER K 33 20.57 -29.61 47.20
C SER K 33 21.69 -28.73 46.65
N PRO K 34 22.05 -27.67 47.39
CA PRO K 34 23.12 -26.75 46.95
C PRO K 34 24.51 -27.40 46.92
N GLN K 35 25.45 -26.75 46.25
CA GLN K 35 26.80 -27.23 46.16
C GLN K 35 27.72 -26.28 46.94
N GLY K 36 28.77 -26.83 47.57
CA GLY K 36 29.69 -26.01 48.32
C GLY K 36 30.40 -24.97 47.46
N SER K 37 31.02 -23.99 48.10
CA SER K 37 31.74 -22.92 47.39
C SER K 37 32.95 -23.45 46.65
N SER K 38 33.40 -22.71 45.64
CA SER K 38 34.55 -23.14 44.87
C SER K 38 35.25 -22.00 44.13
N LEU K 39 34.58 -20.86 43.99
CA LEU K 39 35.16 -19.74 43.28
C LEU K 39 36.41 -19.19 43.97
N ALA K 40 36.34 -19.03 45.28
CA ALA K 40 37.45 -18.50 46.06
C ALA K 40 38.71 -19.36 45.97
N SER K 41 38.53 -20.66 45.77
CA SER K 41 39.66 -21.56 45.70
C SER K 41 40.03 -21.92 44.27
N ARG K 42 40.10 -20.91 43.40
CA ARG K 42 40.45 -21.13 42.01
C ARG K 42 41.24 -19.98 41.42
N ILE K 43 42.01 -20.28 40.39
CA ILE K 43 42.81 -19.27 39.72
C ILE K 43 41.90 -18.43 38.84
N ILE K 44 41.65 -17.20 39.27
CA ILE K 44 40.80 -16.30 38.51
C ILE K 44 41.65 -15.21 37.88
N GLU K 45 41.38 -14.91 36.62
CA GLU K 45 42.12 -13.87 35.90
C GLU K 45 41.21 -13.11 34.96
N ARG K 46 41.47 -11.81 34.81
CA ARG K 46 40.68 -10.97 33.91
C ARG K 46 41.15 -11.27 32.49
N LEU K 47 40.24 -11.79 31.65
CA LEU K 47 40.59 -12.16 30.28
C LEU K 47 41.41 -11.13 29.53
N SER K 48 42.54 -11.60 28.98
CA SER K 48 43.47 -10.78 28.22
C SER K 48 43.11 -10.77 26.73
N SER K 49 42.39 -11.78 26.30
CA SER K 49 41.96 -11.90 24.90
C SER K 49 40.67 -12.71 24.80
N VAL K 50 40.08 -12.74 23.61
CA VAL K 50 38.84 -13.47 23.37
C VAL K 50 39.03 -14.53 22.27
N ALA K 51 38.54 -15.75 22.51
CA ALA K 51 38.66 -16.84 21.54
C ALA K 51 38.04 -16.47 20.19
N HIS K 52 38.26 -17.29 19.17
CA HIS K 52 37.73 -17.02 17.84
C HIS K 52 36.22 -17.27 17.75
N SER K 53 35.80 -18.45 18.20
CA SER K 53 34.40 -18.83 18.18
C SER K 53 33.54 -17.93 19.06
N VAL K 54 34.19 -17.19 19.96
CA VAL K 54 33.50 -16.28 20.86
C VAL K 54 33.23 -14.91 20.24
N ILE K 55 34.17 -14.41 19.47
CA ILE K 55 34.00 -13.10 18.83
C ILE K 55 32.79 -13.14 17.93
N GLY K 56 32.72 -14.14 17.06
CA GLY K 56 31.59 -14.28 16.16
C GLY K 56 30.28 -14.34 16.92
N PHE K 57 30.22 -15.24 17.88
CA PHE K 57 29.04 -15.42 18.71
C PHE K 57 28.66 -14.07 19.32
N ILE K 58 29.65 -13.43 19.93
CA ILE K 58 29.44 -12.14 20.56
C ILE K 58 28.87 -11.12 19.58
N GLN K 59 29.66 -10.75 18.58
CA GLN K 59 29.21 -9.77 17.59
C GLN K 59 27.95 -10.20 16.83
N ARG K 60 27.64 -11.50 16.89
CA ARG K 60 26.46 -12.02 16.19
C ARG K 60 25.16 -11.70 16.93
N MET K 61 25.16 -11.89 18.25
CA MET K 61 23.97 -11.61 19.04
C MET K 61 24.15 -10.40 19.95
N PHE K 62 25.28 -9.71 19.79
CA PHE K 62 25.57 -8.52 20.60
C PHE K 62 25.98 -7.34 19.72
N GLY L 8 -13.48 -6.77 17.22
CA GLY L 8 -13.13 -5.47 16.57
C GLY L 8 -11.68 -5.07 16.83
N GLU L 9 -10.82 -6.06 17.01
CA GLU L 9 -9.42 -5.82 17.28
C GLU L 9 -8.53 -6.74 16.46
N MET L 10 -7.22 -6.49 16.52
CA MET L 10 -6.24 -7.28 15.81
C MET L 10 -4.95 -7.30 16.62
N SER L 11 -4.95 -8.07 17.71
CA SER L 11 -3.79 -8.19 18.59
C SER L 11 -3.39 -6.86 19.23
N GLY L 12 -4.29 -6.29 20.00
CA GLY L 12 -4.00 -5.03 20.67
C GLY L 12 -4.03 -3.83 19.74
N ARG L 13 -5.01 -3.82 18.83
CA ARG L 13 -5.13 -2.75 17.86
C ARG L 13 -6.60 -2.50 17.56
N SER L 14 -7.01 -1.24 17.66
CA SER L 14 -8.40 -0.87 17.38
C SER L 14 -8.62 -0.94 15.87
N VAL L 15 -9.70 -1.59 15.45
CA VAL L 15 -10.01 -1.73 14.04
C VAL L 15 -11.32 -1.04 13.63
N SER L 16 -11.21 -0.16 12.64
CA SER L 16 -12.39 0.53 12.15
C SER L 16 -12.34 0.69 10.64
N GLN L 17 -13.51 0.75 10.00
CA GLN L 17 -13.57 0.94 8.56
C GLN L 17 -13.53 2.43 8.31
N GLN L 18 -12.88 2.81 7.23
CA GLN L 18 -12.72 4.22 6.89
C GLN L 18 -12.99 4.39 5.40
N THR L 19 -13.72 5.44 5.04
CA THR L 19 -14.01 5.69 3.63
C THR L 19 -12.71 6.13 2.96
N SER L 20 -12.36 5.48 1.84
CA SER L 20 -11.13 5.82 1.14
C SER L 20 -11.23 7.16 0.42
N ASP L 21 -10.18 7.95 0.48
CA ASP L 21 -10.20 9.26 -0.17
C ASP L 21 -9.77 9.16 -1.63
N GLN L 22 -9.81 10.30 -2.31
CA GLN L 22 -9.45 10.38 -3.72
C GLN L 22 -8.04 9.89 -4.04
N TYR L 23 -7.06 10.27 -3.22
CA TYR L 23 -5.68 9.85 -3.48
C TYR L 23 -5.50 8.32 -3.37
N ALA L 24 -6.14 7.72 -2.38
CA ALA L 24 -6.05 6.28 -2.18
C ALA L 24 -6.69 5.55 -3.34
N ASN L 25 -7.87 6.01 -3.73
CA ASN L 25 -8.59 5.39 -4.83
C ASN L 25 -7.79 5.45 -6.11
N ASN L 26 -7.15 6.58 -6.36
CA ASN L 26 -6.35 6.74 -7.57
C ASN L 26 -5.07 5.92 -7.55
N LEU L 27 -4.40 5.88 -6.41
CA LEU L 27 -3.16 5.12 -6.32
C LEU L 27 -3.49 3.62 -6.49
N ALA L 28 -4.63 3.21 -5.96
CA ALA L 28 -5.07 1.82 -6.02
C ALA L 28 -5.17 1.27 -7.43
N GLY L 29 -5.50 2.15 -8.38
CA GLY L 29 -5.63 1.71 -9.76
C GLY L 29 -4.42 1.99 -10.63
N ARG L 30 -3.31 2.38 -10.00
CA ARG L 30 -2.10 2.70 -10.74
C ARG L 30 -1.65 1.68 -11.79
N THR L 31 -1.40 2.15 -12.99
CA THR L 31 -0.91 1.29 -14.06
C THR L 31 0.34 1.94 -14.61
N GLU L 32 1.12 1.17 -15.35
CA GLU L 32 2.38 1.64 -15.93
C GLU L 32 2.41 1.11 -17.36
N SER L 33 2.69 1.96 -18.34
CA SER L 33 2.73 1.48 -19.72
C SER L 33 3.81 0.44 -19.87
N PRO L 34 3.51 -0.65 -20.60
CA PRO L 34 4.48 -1.72 -20.82
C PRO L 34 5.68 -1.29 -21.65
N GLN L 35 6.72 -2.10 -21.63
CA GLN L 35 7.91 -1.82 -22.42
C GLN L 35 8.01 -2.89 -23.52
N GLY L 36 8.55 -2.52 -24.67
CA GLY L 36 8.69 -3.47 -25.77
C GLY L 36 9.61 -4.62 -25.43
N SER L 37 9.59 -5.67 -26.25
CA SER L 37 10.44 -6.84 -26.04
C SER L 37 11.92 -6.51 -26.21
N SER L 38 12.78 -7.35 -25.65
CA SER L 38 14.21 -7.13 -25.75
C SER L 38 15.04 -8.37 -25.48
N LEU L 39 14.42 -9.40 -24.91
CA LEU L 39 15.15 -10.62 -24.59
C LEU L 39 15.64 -11.35 -25.84
N ALA L 40 14.78 -11.45 -26.84
CA ALA L 40 15.13 -12.14 -28.08
C ALA L 40 16.28 -11.48 -28.83
N SER L 41 16.44 -10.17 -28.67
CA SER L 41 17.50 -9.44 -29.36
C SER L 41 18.71 -9.18 -28.46
N ARG L 42 19.15 -10.21 -27.74
CA ARG L 42 20.30 -10.07 -26.86
C ARG L 42 21.11 -11.35 -26.76
N ILE L 43 22.39 -11.20 -26.44
CA ILE L 43 23.28 -12.34 -26.30
C ILE L 43 22.98 -13.05 -25.00
N ILE L 44 22.33 -14.20 -25.09
CA ILE L 44 21.98 -14.99 -23.92
C ILE L 44 22.85 -16.23 -23.83
N GLU L 45 23.41 -16.48 -22.65
CA GLU L 45 24.27 -17.63 -22.45
C GLU L 45 24.02 -18.26 -21.10
N ARG L 46 24.21 -19.57 -21.01
CA ARG L 46 24.03 -20.28 -19.77
C ARG L 46 25.30 -20.03 -18.95
N LEU L 47 25.15 -19.42 -17.78
CA LEU L 47 26.29 -19.12 -16.92
C LEU L 47 27.27 -20.28 -16.73
N SER L 48 28.53 -20.01 -17.01
CA SER L 48 29.61 -20.99 -16.89
C SER L 48 30.21 -20.97 -15.49
N SER L 49 30.04 -19.85 -14.80
CA SER L 49 30.57 -19.69 -13.45
C SER L 49 29.74 -18.68 -12.65
N VAL L 50 29.96 -18.61 -11.35
CA VAL L 50 29.24 -17.69 -10.47
C VAL L 50 30.20 -16.72 -9.79
N ALA L 51 29.84 -15.44 -9.76
CA ALA L 51 30.68 -14.42 -9.14
C ALA L 51 30.95 -14.74 -7.67
N HIS L 52 31.85 -13.98 -7.06
CA HIS L 52 32.21 -14.21 -5.66
C HIS L 52 31.12 -13.72 -4.70
N SER L 53 30.68 -12.48 -4.89
CA SER L 53 29.65 -11.89 -4.05
C SER L 53 28.32 -12.64 -4.17
N VAL L 54 28.18 -13.43 -5.23
CA VAL L 54 26.96 -14.18 -5.46
C VAL L 54 26.93 -15.50 -4.68
N ILE L 55 28.08 -16.18 -4.61
CA ILE L 55 28.15 -17.45 -3.90
C ILE L 55 27.73 -17.24 -2.44
N GLY L 56 28.35 -16.27 -1.78
CA GLY L 56 28.02 -15.99 -0.40
C GLY L 56 26.55 -15.70 -0.24
N PHE L 57 26.05 -14.77 -1.04
CA PHE L 57 24.64 -14.40 -1.02
C PHE L 57 23.79 -15.65 -1.19
N ILE L 58 24.12 -16.44 -2.19
CA ILE L 58 23.40 -17.67 -2.47
C ILE L 58 23.40 -18.62 -1.28
N GLN L 59 24.57 -19.12 -0.91
CA GLN L 59 24.68 -20.03 0.22
C GLN L 59 24.20 -19.42 1.54
N ARG L 60 24.11 -18.10 1.59
CA ARG L 60 23.68 -17.42 2.80
C ARG L 60 22.18 -17.53 3.03
N MET L 61 21.41 -17.33 1.96
CA MET L 61 19.96 -17.40 2.06
C MET L 61 19.38 -18.59 1.32
N PHE L 62 20.25 -19.46 0.81
CA PHE L 62 19.84 -20.65 0.09
C PHE L 62 20.53 -21.90 0.64
#